data_7SKJ
#
_entry.id   7SKJ
#
_cell.length_a   74.949
_cell.length_b   82.118
_cell.length_c   154.246
_cell.angle_alpha   90.000
_cell.angle_beta   90.000
_cell.angle_gamma   90.000
#
_symmetry.space_group_name_H-M   'P 21 21 21'
#
loop_
_entity.id
_entity.type
_entity.pdbx_description
1 polymer 'Triosephosphate isomerase'
2 non-polymer 'ACETATE ION'
3 water water
#
_entity_poly.entity_id   1
_entity_poly.type   'polypeptide(L)'
_entity_poly.pdbx_seq_one_letter_code
;MGSSHHHHHHSSGLVPRGSHAGSGKCFVGGNWKCNGTKESIVRLISDLNSSKLEPDVDVVVAPPFLYIEQVKSTLTDRIE
IAAQNCWIGKGGAFTGEISAEQLKDIGCKWVILGHSERRHVMGENNEFIGKKAAYASSQGVGIIACIGELLEEREARKTF
DVCFQQLKAFADALPSWENVVIAYEPVWAIGTGKVATPEQAQEVHAAIRDWLNKNVSSEVASETRIIYGGSVNGSNCSEL
AKKEDIDGFLVGGASLKGPDFASIVNSVASKKVTA
;
_entity_poly.pdbx_strand_id   A,B,C,D
#
loop_
_chem_comp.id
_chem_comp.type
_chem_comp.name
_chem_comp.formula
ACT non-polymer 'ACETATE ION' 'C2 H3 O2 -1'
#
# COMPACT_ATOMS: atom_id res chain seq x y z
N GLY A 24 3.75 40.57 -3.93
CA GLY A 24 4.67 39.48 -3.67
C GLY A 24 5.09 39.42 -2.20
N LYS A 25 4.35 38.64 -1.42
CA LYS A 25 4.55 38.56 0.01
C LYS A 25 5.26 37.24 0.38
N CYS A 26 6.12 37.32 1.38
CA CYS A 26 6.64 36.12 1.99
C CYS A 26 5.51 35.38 2.71
N PHE A 27 5.80 34.16 3.14
CA PHE A 27 4.78 33.25 3.67
C PHE A 27 5.41 32.45 4.80
N VAL A 28 4.80 32.47 5.98
CA VAL A 28 5.32 31.68 7.09
C VAL A 28 4.18 30.87 7.69
N GLY A 29 4.30 29.55 7.63
CA GLY A 29 3.27 28.63 8.17
C GLY A 29 3.77 27.87 9.38
N GLY A 30 2.89 27.69 10.37
CA GLY A 30 3.21 26.86 11.53
C GLY A 30 2.44 25.56 11.49
N ASN A 31 3.14 24.43 11.35
CA ASN A 31 2.54 23.11 11.37
C ASN A 31 2.64 22.57 12.79
N TRP A 32 1.52 22.62 13.51
CA TRP A 32 1.48 22.11 14.88
C TRP A 32 1.54 20.58 14.93
N LYS A 33 1.35 19.90 13.80
CA LYS A 33 1.36 18.43 13.76
C LYS A 33 0.36 17.88 14.78
N CYS A 34 0.66 16.70 15.33
CA CYS A 34 -0.28 15.97 16.19
C CYS A 34 0.05 16.33 17.64
N ASN A 35 -0.17 17.60 17.95
CA ASN A 35 0.18 18.16 19.23
C ASN A 35 -0.88 19.17 19.65
N GLY A 36 -1.13 19.22 20.96
CA GLY A 36 -2.03 20.22 21.50
C GLY A 36 -3.28 19.68 22.19
N THR A 37 -3.71 20.43 23.20
CA THR A 37 -4.98 20.24 23.89
C THR A 37 -5.66 21.61 23.98
N LYS A 38 -6.93 21.62 24.38
CA LYS A 38 -7.60 22.91 24.53
C LYS A 38 -6.74 23.86 25.37
N GLU A 39 -6.25 23.33 26.50
CA GLU A 39 -5.45 24.14 27.42
C GLU A 39 -4.14 24.62 26.80
N SER A 40 -3.36 23.70 26.22
CA SER A 40 -2.09 24.13 25.65
C SER A 40 -2.32 25.08 24.48
N ILE A 41 -3.42 24.91 23.75
CA ILE A 41 -3.66 25.76 22.59
C ILE A 41 -4.13 27.15 23.03
N VAL A 42 -4.85 27.26 24.14
CA VAL A 42 -5.12 28.59 24.72
C VAL A 42 -3.80 29.34 24.95
N ARG A 43 -2.83 28.68 25.55
CA ARG A 43 -1.56 29.33 25.84
C ARG A 43 -0.84 29.72 24.56
N LEU A 44 -0.80 28.81 23.58
CA LEU A 44 -0.16 29.16 22.30
C LEU A 44 -0.90 30.31 21.60
N ILE A 45 -2.23 30.28 21.57
CA ILE A 45 -2.97 31.38 20.95
C ILE A 45 -2.69 32.70 21.68
N SER A 46 -2.68 32.66 23.01
CA SER A 46 -2.38 33.88 23.78
C SER A 46 -1.05 34.47 23.37
N ASP A 47 -0.01 33.62 23.27
CA ASP A 47 1.31 34.13 22.92
C ASP A 47 1.34 34.68 21.50
N LEU A 48 0.63 34.04 20.57
CA LEU A 48 0.60 34.54 19.19
C LEU A 48 -0.11 35.87 19.11
N ASN A 49 -1.23 36.00 19.82
CA ASN A 49 -1.98 37.24 19.84
C ASN A 49 -1.17 38.38 20.43
N SER A 50 -0.24 38.07 21.32
CA SER A 50 0.48 39.12 22.04
C SER A 50 1.74 39.57 21.34
N SER A 51 2.16 38.84 20.32
CA SER A 51 3.32 39.22 19.52
C SER A 51 2.93 40.32 18.54
N LYS A 52 3.92 41.09 18.11
CA LYS A 52 3.73 42.03 17.02
C LYS A 52 4.32 41.40 15.76
N LEU A 53 3.50 41.19 14.76
CA LEU A 53 3.95 40.56 13.52
C LEU A 53 4.12 41.63 12.45
N GLU A 54 5.28 41.63 11.81
CA GLU A 54 5.52 42.59 10.74
C GLU A 54 4.43 42.46 9.69
N PRO A 55 3.95 43.58 9.14
CA PRO A 55 2.92 43.49 8.10
C PRO A 55 3.53 42.99 6.79
N ASP A 56 2.65 42.64 5.86
CA ASP A 56 3.03 42.20 4.53
C ASP A 56 3.69 40.82 4.49
N VAL A 57 3.47 40.00 5.53
CA VAL A 57 3.84 38.58 5.51
C VAL A 57 2.55 37.78 5.65
N ASP A 58 2.32 36.82 4.75
CA ASP A 58 1.22 35.89 4.95
C ASP A 58 1.58 34.89 6.05
N VAL A 59 0.83 34.90 7.15
CA VAL A 59 1.07 34.04 8.29
C VAL A 59 -0.09 33.07 8.42
N VAL A 60 0.23 31.81 8.67
CA VAL A 60 -0.74 30.70 8.65
C VAL A 60 -0.38 29.73 9.78
N VAL A 61 -1.39 29.20 10.49
CA VAL A 61 -1.16 28.10 11.42
C VAL A 61 -2.08 26.94 11.08
N ALA A 62 -1.59 25.71 11.33
CA ALA A 62 -2.27 24.46 11.00
C ALA A 62 -2.52 23.66 12.28
N PRO A 63 -3.67 23.88 12.95
CA PRO A 63 -4.00 23.12 14.16
C PRO A 63 -4.49 21.72 13.81
N PRO A 64 -4.47 20.77 14.76
CA PRO A 64 -5.13 19.48 14.50
C PRO A 64 -6.61 19.73 14.23
N PHE A 65 -7.25 18.81 13.50
CA PHE A 65 -8.62 19.03 13.07
C PHE A 65 -9.53 19.44 14.23
N LEU A 66 -9.39 18.78 15.39
CA LEU A 66 -10.32 18.99 16.51
C LEU A 66 -10.40 20.44 16.94
N TYR A 67 -9.28 21.15 16.88
CA TYR A 67 -9.14 22.46 17.51
C TYR A 67 -9.27 23.61 16.53
N ILE A 68 -9.61 23.32 15.26
CA ILE A 68 -9.61 24.38 14.25
C ILE A 68 -10.65 25.47 14.60
N GLU A 69 -11.86 25.09 15.04
CA GLU A 69 -12.82 26.10 15.48
C GLU A 69 -12.36 26.96 16.64
N GLN A 70 -11.76 26.35 17.66
CA GLN A 70 -11.27 27.14 18.79
C GLN A 70 -10.23 28.16 18.32
N VAL A 71 -9.30 27.73 17.45
CA VAL A 71 -8.30 28.66 16.92
C VAL A 71 -8.98 29.76 16.11
N LYS A 72 -9.84 29.38 15.16
CA LYS A 72 -10.54 30.37 14.34
C LYS A 72 -11.28 31.41 15.17
N SER A 73 -11.82 30.98 16.31
CA SER A 73 -12.64 31.85 17.13
C SER A 73 -11.80 32.86 17.93
N THR A 74 -10.59 32.48 18.35
CA THR A 74 -9.87 33.26 19.34
C THR A 74 -8.49 33.74 18.91
N LEU A 75 -7.94 33.22 17.81
CA LEU A 75 -6.68 33.73 17.28
C LEU A 75 -6.91 34.93 16.36
N THR A 76 -6.07 35.96 16.51
CA THR A 76 -6.14 37.14 15.66
C THR A 76 -6.37 36.79 14.19
N ASP A 77 -7.31 37.49 13.53
CA ASP A 77 -7.60 37.13 12.15
C ASP A 77 -6.56 37.67 11.20
N ARG A 78 -5.51 38.30 11.71
CA ARG A 78 -4.30 38.49 10.91
C ARG A 78 -3.77 37.15 10.37
N ILE A 79 -3.91 36.07 11.15
CA ILE A 79 -3.33 34.77 10.82
C ILE A 79 -4.41 33.87 10.21
N GLU A 80 -4.12 33.31 9.05
CA GLU A 80 -5.07 32.41 8.39
C GLU A 80 -4.86 30.98 8.90
N ILE A 81 -5.86 30.13 8.68
CA ILE A 81 -5.88 28.79 9.25
C ILE A 81 -5.70 27.75 8.15
N ALA A 82 -4.82 26.79 8.40
CA ALA A 82 -4.60 25.67 7.51
C ALA A 82 -5.03 24.38 8.21
N ALA A 83 -5.37 23.36 7.44
CA ALA A 83 -5.42 22.01 7.99
C ALA A 83 -4.18 21.24 7.52
N GLN A 84 -3.97 20.08 8.16
CA GLN A 84 -2.76 19.28 7.98
C GLN A 84 -2.95 18.15 6.97
N ASN A 85 -4.16 17.93 6.48
CA ASN A 85 -4.40 16.84 5.54
C ASN A 85 -5.86 16.94 5.09
N CYS A 86 -6.20 16.22 4.02
CA CYS A 86 -7.59 16.03 3.63
C CYS A 86 -7.66 14.81 2.71
N TRP A 87 -8.89 14.44 2.36
CA TRP A 87 -9.11 13.23 1.56
C TRP A 87 -8.84 13.53 0.08
N ILE A 88 -8.72 12.47 -0.73
CA ILE A 88 -8.38 12.63 -2.15
C ILE A 88 -9.54 13.18 -2.96
N GLY A 89 -10.75 13.12 -2.45
CA GLY A 89 -11.89 13.56 -3.22
C GLY A 89 -13.02 14.00 -2.34
N LYS A 90 -14.22 14.11 -2.89
CA LYS A 90 -15.33 14.61 -2.11
C LYS A 90 -15.66 13.65 -0.97
N GLY A 91 -16.44 14.16 -0.01
CA GLY A 91 -16.85 13.37 1.12
C GLY A 91 -17.75 12.20 0.74
N GLY A 92 -18.02 11.38 1.74
CA GLY A 92 -18.80 10.19 1.56
C GLY A 92 -18.33 9.11 2.53
N ALA A 93 -18.29 7.87 2.02
CA ALA A 93 -18.05 6.68 2.85
C ALA A 93 -16.54 6.50 3.05
N PHE A 94 -15.94 7.44 3.81
CA PHE A 94 -14.50 7.46 4.04
C PHE A 94 -14.28 7.73 5.53
N THR A 95 -14.67 6.75 6.35
CA THR A 95 -14.62 6.90 7.79
C THR A 95 -13.23 7.36 8.23
N GLY A 96 -13.22 8.40 9.07
CA GLY A 96 -11.98 8.94 9.59
C GLY A 96 -11.38 10.10 8.81
N GLU A 97 -11.83 10.35 7.59
CA GLU A 97 -11.22 11.37 6.73
C GLU A 97 -11.99 12.68 6.79
N ILE A 98 -11.29 13.76 6.44
CA ILE A 98 -11.87 15.09 6.37
C ILE A 98 -11.78 15.57 4.93
N SER A 99 -12.91 16.03 4.37
CA SER A 99 -12.89 16.43 2.97
C SER A 99 -12.50 17.91 2.81
N ALA A 100 -12.03 18.25 1.62
CA ALA A 100 -11.63 19.65 1.39
C ALA A 100 -12.83 20.59 1.44
N GLU A 101 -14.02 20.13 1.06
CA GLU A 101 -15.17 21.03 1.21
C GLU A 101 -15.49 21.25 2.67
N GLN A 102 -15.21 20.27 3.54
CA GLN A 102 -15.35 20.54 4.98
C GLN A 102 -14.31 21.54 5.47
N LEU A 103 -13.08 21.44 4.95
CA LEU A 103 -12.07 22.43 5.33
C LEU A 103 -12.53 23.83 4.94
N LYS A 104 -13.10 23.95 3.74
CA LYS A 104 -13.60 25.26 3.31
C LYS A 104 -14.72 25.73 4.22
N ASP A 105 -15.63 24.82 4.59
CA ASP A 105 -16.75 25.13 5.46
C ASP A 105 -16.30 25.65 6.82
N ILE A 106 -15.27 25.03 7.41
CA ILE A 106 -14.87 25.36 8.77
C ILE A 106 -14.02 26.63 8.84
N GLY A 107 -13.55 27.13 7.71
CA GLY A 107 -12.80 28.37 7.66
C GLY A 107 -11.34 28.25 7.30
N CYS A 108 -10.88 27.08 6.88
CA CYS A 108 -9.49 26.93 6.45
C CYS A 108 -9.27 27.62 5.13
N LYS A 109 -8.13 28.30 5.00
CA LYS A 109 -7.74 28.81 3.70
C LYS A 109 -6.57 28.03 3.08
N TRP A 110 -5.98 27.08 3.79
CA TRP A 110 -4.88 26.27 3.28
C TRP A 110 -5.00 24.83 3.77
N VAL A 111 -4.38 23.90 3.03
CA VAL A 111 -4.15 22.54 3.55
C VAL A 111 -2.72 22.12 3.19
N ILE A 112 -2.06 21.45 4.13
CA ILE A 112 -0.73 20.90 3.90
C ILE A 112 -0.89 19.55 3.22
N LEU A 113 -0.19 19.33 2.10
CA LEU A 113 -0.31 18.08 1.36
C LEU A 113 1.08 17.53 1.07
N GLY A 114 1.21 16.21 1.17
CA GLY A 114 2.49 15.61 0.85
C GLY A 114 3.57 15.82 1.90
N HIS A 115 3.19 16.15 3.12
CA HIS A 115 4.19 16.31 4.17
C HIS A 115 5.00 15.02 4.31
N SER A 116 6.30 15.17 4.63
CA SER A 116 7.18 14.03 4.67
C SER A 116 6.66 12.94 5.60
N GLU A 117 5.98 13.33 6.69
CA GLU A 117 5.51 12.32 7.62
C GLU A 117 4.42 11.46 6.98
N ARG A 118 3.57 12.07 6.15
CA ARG A 118 2.53 11.30 5.46
C ARG A 118 3.13 10.47 4.32
N ARG A 119 4.16 10.98 3.66
CA ARG A 119 4.83 10.20 2.62
C ARG A 119 5.55 9.01 3.22
N HIS A 120 6.41 9.25 4.22
CA HIS A 120 7.40 8.27 4.66
C HIS A 120 6.98 7.46 5.87
N VAL A 121 6.14 8.00 6.73
CA VAL A 121 5.61 7.20 7.82
C VAL A 121 4.32 6.52 7.41
N MET A 122 3.50 7.19 6.61
CA MET A 122 2.16 6.71 6.30
C MET A 122 1.97 6.26 4.86
N GLY A 123 3.01 6.28 4.03
CA GLY A 123 2.97 5.65 2.72
C GLY A 123 2.27 6.39 1.60
N GLU A 124 2.00 7.70 1.73
CA GLU A 124 1.34 8.41 0.64
C GLU A 124 2.31 8.58 -0.53
N ASN A 125 1.87 8.22 -1.72
CA ASN A 125 2.70 8.32 -2.91
C ASN A 125 2.32 9.52 -3.75
N ASN A 126 3.15 9.81 -4.76
CA ASN A 126 3.03 11.03 -5.55
C ASN A 126 1.63 11.18 -6.16
N GLU A 127 1.12 10.11 -6.76
CA GLU A 127 -0.16 10.22 -7.45
C GLU A 127 -1.31 10.48 -6.47
N PHE A 128 -1.32 9.75 -5.35
CA PHE A 128 -2.29 9.97 -4.27
C PHE A 128 -2.26 11.43 -3.81
N ILE A 129 -1.06 11.96 -3.58
CA ILE A 129 -0.93 13.34 -3.13
C ILE A 129 -1.44 14.30 -4.20
N GLY A 130 -1.14 14.01 -5.46
CA GLY A 130 -1.61 14.87 -6.53
C GLY A 130 -3.12 14.95 -6.59
N LYS A 131 -3.81 13.83 -6.35
CA LYS A 131 -5.27 13.86 -6.34
C LYS A 131 -5.80 14.79 -5.25
N LYS A 132 -5.22 14.72 -4.05
CA LYS A 132 -5.64 15.63 -3.00
C LYS A 132 -5.45 17.08 -3.43
N ALA A 133 -4.30 17.37 -4.05
CA ALA A 133 -3.99 18.73 -4.45
C ALA A 133 -5.01 19.24 -5.46
N ALA A 134 -5.29 18.44 -6.49
CA ALA A 134 -6.28 18.86 -7.48
C ALA A 134 -7.64 19.10 -6.82
N TYR A 135 -8.05 18.21 -5.92
CA TYR A 135 -9.40 18.29 -5.39
C TYR A 135 -9.54 19.46 -4.41
N ALA A 136 -8.56 19.63 -3.51
CA ALA A 136 -8.64 20.75 -2.58
C ALA A 136 -8.64 22.07 -3.34
N SER A 137 -7.81 22.17 -4.39
CA SER A 137 -7.82 23.36 -5.22
C SER A 137 -9.21 23.61 -5.81
N SER A 138 -9.86 22.54 -6.28
CA SER A 138 -11.21 22.67 -6.85
C SER A 138 -12.22 23.18 -5.83
N GLN A 139 -11.94 23.01 -4.52
CA GLN A 139 -12.82 23.52 -3.48
C GLN A 139 -12.41 24.91 -3.00
N GLY A 140 -11.42 25.53 -3.64
CA GLY A 140 -11.01 26.85 -3.24
C GLY A 140 -10.18 26.89 -1.97
N VAL A 141 -9.46 25.80 -1.66
CA VAL A 141 -8.53 25.76 -0.53
C VAL A 141 -7.11 25.88 -1.06
N GLY A 142 -6.30 26.74 -0.46
CA GLY A 142 -4.91 26.85 -0.88
C GLY A 142 -4.12 25.60 -0.56
N ILE A 143 -3.04 25.38 -1.32
CA ILE A 143 -2.18 24.20 -1.19
C ILE A 143 -0.84 24.63 -0.63
N ILE A 144 -0.39 23.97 0.44
CA ILE A 144 1.02 23.99 0.80
C ILE A 144 1.58 22.64 0.35
N ALA A 145 2.29 22.63 -0.79
CA ALA A 145 2.72 21.39 -1.44
C ALA A 145 4.15 21.05 -1.01
N CYS A 146 4.30 19.97 -0.24
CA CYS A 146 5.58 19.63 0.35
C CYS A 146 6.33 18.63 -0.54
N ILE A 147 7.61 18.88 -0.74
CA ILE A 147 8.50 17.97 -1.44
C ILE A 147 9.79 17.88 -0.64
N GLY A 148 10.58 16.85 -0.92
CA GLY A 148 11.85 16.74 -0.27
C GLY A 148 12.43 15.35 -0.37
N GLU A 149 13.76 15.29 -0.21
CA GLU A 149 14.53 14.08 -0.45
C GLU A 149 15.04 13.50 0.86
N LEU A 150 15.16 12.17 0.89
CA LEU A 150 15.69 11.44 2.03
C LEU A 150 17.22 11.52 2.07
N LEU A 151 17.77 11.26 3.26
CA LEU A 151 19.22 11.29 3.42
C LEU A 151 19.93 10.46 2.35
N GLU A 152 19.45 9.24 2.13
CA GLU A 152 20.08 8.35 1.17
C GLU A 152 20.04 8.94 -0.24
N GLU A 153 18.93 9.56 -0.60
CA GLU A 153 18.80 10.14 -1.93
C GLU A 153 19.79 11.29 -2.14
N ARG A 154 19.93 12.17 -1.16
CA ARG A 154 20.95 13.20 -1.27
C ARG A 154 22.34 12.57 -1.37
N GLU A 155 22.56 11.49 -0.62
CA GLU A 155 23.83 10.77 -0.69
C GLU A 155 24.09 10.21 -2.09
N ALA A 156 23.05 9.77 -2.79
CA ALA A 156 23.20 9.31 -4.17
C ALA A 156 23.19 10.45 -5.19
N ARG A 157 23.17 11.69 -4.74
CA ARG A 157 23.10 12.84 -5.64
C ARG A 157 21.82 12.82 -6.46
N LYS A 158 20.72 12.42 -5.81
CA LYS A 158 19.40 12.37 -6.43
C LYS A 158 18.45 13.42 -5.86
N THR A 159 18.98 14.40 -5.10
CA THR A 159 18.14 15.45 -4.53
C THR A 159 17.23 16.05 -5.59
N PHE A 160 17.79 16.40 -6.73
CA PHE A 160 17.02 17.09 -7.75
C PHE A 160 16.12 16.12 -8.49
N ASP A 161 16.64 14.94 -8.88
CA ASP A 161 15.76 13.90 -9.43
C ASP A 161 14.48 13.76 -8.62
N VAL A 162 14.62 13.55 -7.32
CA VAL A 162 13.46 13.27 -6.47
C VAL A 162 12.56 14.49 -6.37
N CYS A 163 13.13 15.65 -6.02
CA CYS A 163 12.33 16.85 -5.90
C CYS A 163 11.62 17.16 -7.20
N PHE A 164 12.31 16.99 -8.33
CA PHE A 164 11.66 17.27 -9.61
C PHE A 164 10.52 16.30 -9.87
N GLN A 165 10.70 15.01 -9.56
CA GLN A 165 9.58 14.08 -9.74
C GLN A 165 8.40 14.47 -8.86
N GLN A 166 8.66 14.90 -7.63
CA GLN A 166 7.55 15.26 -6.75
C GLN A 166 6.83 16.50 -7.28
N LEU A 167 7.57 17.52 -7.73
CA LEU A 167 6.96 18.70 -8.34
C LEU A 167 6.14 18.34 -9.57
N LYS A 168 6.68 17.47 -10.43
CA LYS A 168 5.96 17.05 -11.62
C LYS A 168 4.59 16.48 -11.27
N ALA A 169 4.53 15.65 -10.24
CA ALA A 169 3.26 15.06 -9.85
C ALA A 169 2.26 16.14 -9.42
N PHE A 170 2.73 17.16 -8.68
CA PHE A 170 1.85 18.28 -8.34
C PHE A 170 1.45 19.06 -9.59
N ALA A 171 2.43 19.36 -10.45
CA ALA A 171 2.14 20.18 -11.63
C ALA A 171 1.18 19.47 -12.57
N ASP A 172 1.30 18.14 -12.70
CA ASP A 172 0.41 17.41 -13.59
C ASP A 172 -1.02 17.40 -13.06
N ALA A 173 -1.20 17.41 -11.74
CA ALA A 173 -2.53 17.32 -11.14
C ALA A 173 -3.21 18.68 -10.99
N LEU A 174 -2.45 19.72 -10.69
CA LEU A 174 -3.02 21.02 -10.37
C LEU A 174 -3.68 21.65 -11.58
N PRO A 175 -4.97 21.98 -11.54
CA PRO A 175 -5.59 22.72 -12.65
C PRO A 175 -5.35 24.21 -12.61
N SER A 176 -4.71 24.72 -11.54
CA SER A 176 -4.37 26.12 -11.39
C SER A 176 -3.27 26.20 -10.33
N TRP A 177 -2.39 27.19 -10.48
CA TRP A 177 -1.35 27.44 -9.50
C TRP A 177 -1.67 28.63 -8.60
N GLU A 178 -2.88 29.18 -8.74
CA GLU A 178 -3.34 30.18 -7.80
C GLU A 178 -3.45 29.57 -6.40
N ASN A 179 -2.93 30.30 -5.41
CA ASN A 179 -2.99 29.86 -4.03
C ASN A 179 -2.33 28.50 -3.86
N VAL A 180 -1.11 28.37 -4.40
CA VAL A 180 -0.25 27.22 -4.17
C VAL A 180 1.10 27.76 -3.69
N VAL A 181 1.62 27.17 -2.60
CA VAL A 181 2.93 27.48 -2.07
C VAL A 181 3.69 26.17 -1.99
N ILE A 182 4.97 26.16 -2.41
CA ILE A 182 5.77 24.95 -2.37
C ILE A 182 6.67 24.99 -1.14
N ALA A 183 6.68 23.91 -0.36
CA ALA A 183 7.50 23.78 0.83
C ALA A 183 8.59 22.75 0.57
N TYR A 184 9.85 23.16 0.64
CA TYR A 184 10.95 22.20 0.50
C TYR A 184 11.39 21.74 1.88
N GLU A 185 11.26 20.44 2.13
CA GLU A 185 11.58 19.86 3.44
C GLU A 185 12.66 18.82 3.21
N PRO A 186 13.90 19.11 3.49
CA PRO A 186 14.93 18.05 3.42
C PRO A 186 14.64 17.07 4.55
N VAL A 187 14.17 15.87 4.20
CA VAL A 187 13.61 14.96 5.19
C VAL A 187 14.61 14.69 6.32
N TRP A 188 15.89 14.66 6.02
CA TRP A 188 16.88 14.55 7.09
C TRP A 188 16.89 15.75 8.03
N ALA A 189 16.18 16.84 7.71
CA ALA A 189 16.12 18.02 8.57
C ALA A 189 14.85 18.15 9.39
N ILE A 190 13.84 17.30 9.16
CA ILE A 190 12.57 17.42 9.88
C ILE A 190 12.74 16.81 11.27
N GLY A 191 12.60 17.65 12.30
CA GLY A 191 12.65 17.20 13.69
C GLY A 191 13.99 16.70 14.17
N THR A 192 15.02 16.68 13.31
CA THR A 192 16.33 16.18 13.65
C THR A 192 17.22 17.21 14.32
N GLY A 193 16.90 18.49 14.19
CA GLY A 193 17.80 19.54 14.64
C GLY A 193 18.97 19.81 13.72
N LYS A 194 19.11 19.05 12.64
CA LYS A 194 20.14 19.31 11.63
C LYS A 194 19.48 20.17 10.55
N VAL A 195 19.55 21.48 10.75
CA VAL A 195 18.98 22.39 9.76
C VAL A 195 19.89 22.41 8.52
N ALA A 196 19.28 22.52 7.35
CA ALA A 196 20.08 22.77 6.15
C ALA A 196 20.75 24.14 6.25
N THR A 197 21.99 24.23 5.76
CA THR A 197 22.65 25.52 5.69
C THR A 197 21.91 26.44 4.72
N PRO A 198 22.04 27.76 4.88
CA PRO A 198 21.41 28.66 3.91
C PRO A 198 21.84 28.37 2.48
N GLU A 199 23.12 28.00 2.28
CA GLU A 199 23.62 27.70 0.93
C GLU A 199 22.91 26.49 0.34
N GLN A 200 22.77 25.41 1.12
CA GLN A 200 22.13 24.20 0.61
C GLN A 200 20.67 24.44 0.28
N ALA A 201 19.94 25.11 1.19
CA ALA A 201 18.55 25.41 0.93
C ALA A 201 18.39 26.26 -0.32
N GLN A 202 19.20 27.33 -0.41
CA GLN A 202 19.12 28.24 -1.56
C GLN A 202 19.36 27.47 -2.86
N GLU A 203 20.30 26.54 -2.84
CA GLU A 203 20.58 25.79 -4.06
C GLU A 203 19.32 25.06 -4.54
N VAL A 204 18.59 24.43 -3.62
CA VAL A 204 17.41 23.67 -4.01
C VAL A 204 16.27 24.62 -4.40
N HIS A 205 16.08 25.70 -3.64
CA HIS A 205 15.02 26.66 -3.98
C HIS A 205 15.23 27.25 -5.37
N ALA A 206 16.48 27.62 -5.69
CA ALA A 206 16.78 28.09 -7.05
C ALA A 206 16.40 27.04 -8.10
N ALA A 207 16.73 25.78 -7.85
CA ALA A 207 16.42 24.72 -8.80
C ALA A 207 14.91 24.53 -8.96
N ILE A 208 14.17 24.56 -7.85
CA ILE A 208 12.71 24.46 -7.93
C ILE A 208 12.16 25.58 -8.81
N ARG A 209 12.63 26.81 -8.58
CA ARG A 209 12.07 27.93 -9.34
C ARG A 209 12.42 27.82 -10.81
N ASP A 210 13.66 27.42 -11.13
CA ASP A 210 14.02 27.14 -12.51
C ASP A 210 13.14 26.05 -13.12
N TRP A 211 12.86 24.99 -12.35
CA TRP A 211 11.98 23.94 -12.86
C TRP A 211 10.59 24.50 -13.18
N LEU A 212 10.04 25.35 -12.31
CA LEU A 212 8.76 25.96 -12.61
C LEU A 212 8.84 26.84 -13.85
N ASN A 213 9.93 27.57 -14.01
CA ASN A 213 10.09 28.44 -15.18
C ASN A 213 10.06 27.63 -16.47
N LYS A 214 10.75 26.50 -16.47
CA LYS A 214 10.89 25.67 -17.66
C LYS A 214 9.66 24.79 -17.94
N ASN A 215 8.99 24.30 -16.89
CA ASN A 215 7.97 23.28 -17.07
C ASN A 215 6.54 23.77 -16.84
N VAL A 216 6.35 24.94 -16.25
CA VAL A 216 5.00 25.48 -16.05
C VAL A 216 4.90 26.80 -16.78
N SER A 217 5.52 27.84 -16.23
CA SER A 217 5.51 29.16 -16.88
C SER A 217 6.39 30.09 -16.05
N SER A 218 6.86 31.17 -16.69
CA SER A 218 7.65 32.13 -15.95
C SER A 218 6.79 32.93 -14.97
N GLU A 219 5.49 33.09 -15.27
CA GLU A 219 4.59 33.74 -14.33
C GLU A 219 4.44 32.91 -13.06
N VAL A 220 4.23 31.61 -13.20
CA VAL A 220 4.16 30.73 -12.02
C VAL A 220 5.49 30.74 -11.28
N ALA A 221 6.60 30.70 -12.01
CA ALA A 221 7.91 30.67 -11.36
C ALA A 221 8.14 31.92 -10.52
N SER A 222 7.81 33.09 -11.04
CA SER A 222 8.08 34.29 -10.28
C SER A 222 7.06 34.54 -9.18
N GLU A 223 5.81 34.07 -9.36
CA GLU A 223 4.73 34.33 -8.43
C GLU A 223 4.68 33.36 -7.26
N THR A 224 5.14 32.12 -7.45
CA THR A 224 4.94 31.05 -6.49
C THR A 224 5.92 31.19 -5.34
N ARG A 225 5.40 31.20 -4.11
CA ARG A 225 6.26 31.23 -2.94
C ARG A 225 6.88 29.85 -2.74
N ILE A 226 8.19 29.82 -2.50
CA ILE A 226 8.90 28.57 -2.21
C ILE A 226 9.50 28.74 -0.82
N ILE A 227 8.97 27.97 0.15
CA ILE A 227 9.33 28.17 1.54
C ILE A 227 10.14 26.97 2.02
N TYR A 228 11.00 27.22 2.98
CA TYR A 228 11.90 26.20 3.50
C TYR A 228 11.32 25.59 4.78
N GLY A 229 11.35 24.26 4.87
CA GLY A 229 10.95 23.57 6.08
C GLY A 229 12.08 22.68 6.58
N GLY A 230 12.16 22.50 7.89
CA GLY A 230 13.15 21.60 8.42
C GLY A 230 14.03 22.18 9.50
N SER A 231 13.57 22.07 10.76
CA SER A 231 14.29 22.53 11.94
C SER A 231 14.46 24.05 12.00
N VAL A 232 13.60 24.81 11.32
CA VAL A 232 13.65 26.26 11.44
C VAL A 232 13.34 26.67 12.88
N ASN A 233 14.13 27.57 13.44
CA ASN A 233 13.81 28.12 14.75
C ASN A 233 14.17 29.61 14.77
N GLY A 234 13.95 30.26 15.93
CA GLY A 234 14.19 31.68 16.06
C GLY A 234 15.64 32.07 15.81
N SER A 235 16.57 31.13 15.94
CA SER A 235 17.97 31.46 15.70
C SER A 235 18.30 31.43 14.22
N ASN A 236 18.00 30.33 13.55
CA ASN A 236 18.54 30.12 12.22
C ASN A 236 17.68 30.72 11.10
N CYS A 237 16.52 31.30 11.43
CA CYS A 237 15.64 31.84 10.39
C CYS A 237 16.21 33.07 9.70
N SER A 238 16.96 33.90 10.42
CA SER A 238 17.46 35.13 9.81
C SER A 238 18.36 34.87 8.62
N GLU A 239 19.35 33.96 8.76
CA GLU A 239 20.27 33.75 7.65
C GLU A 239 19.62 32.98 6.50
N LEU A 240 18.64 32.12 6.80
CA LEU A 240 17.91 31.48 5.72
C LEU A 240 17.07 32.48 4.97
N ALA A 241 16.46 33.43 5.68
CA ALA A 241 15.56 34.39 5.05
C ALA A 241 16.28 35.35 4.12
N LYS A 242 17.60 35.51 4.29
CA LYS A 242 18.37 36.37 3.41
C LYS A 242 18.49 35.82 1.99
N LYS A 243 18.23 34.53 1.78
CA LYS A 243 18.52 33.92 0.50
C LYS A 243 17.49 34.32 -0.55
N GLU A 244 17.97 34.54 -1.77
CA GLU A 244 17.15 35.14 -2.84
C GLU A 244 15.86 34.36 -3.08
N ASP A 245 15.91 33.03 -3.04
CA ASP A 245 14.76 32.23 -3.43
C ASP A 245 14.03 31.57 -2.26
N ILE A 246 14.36 31.93 -1.03
CA ILE A 246 13.66 31.39 0.13
C ILE A 246 12.62 32.44 0.52
N ASP A 247 11.34 32.13 0.28
CA ASP A 247 10.26 33.10 0.40
C ASP A 247 9.55 33.04 1.76
N GLY A 248 10.07 32.25 2.70
CA GLY A 248 9.45 32.06 3.99
C GLY A 248 9.72 30.65 4.50
N PHE A 249 8.85 30.18 5.41
CA PHE A 249 9.14 28.95 6.14
C PHE A 249 7.88 28.16 6.41
N LEU A 250 8.02 26.83 6.45
CA LEU A 250 7.06 25.94 7.09
C LEU A 250 7.73 25.45 8.36
N VAL A 251 7.15 25.80 9.51
CA VAL A 251 7.80 25.65 10.80
C VAL A 251 7.16 24.50 11.56
N GLY A 252 7.97 23.55 12.00
CA GLY A 252 7.51 22.42 12.79
C GLY A 252 7.47 22.72 14.28
N GLY A 253 8.41 22.15 15.03
CA GLY A 253 8.38 22.23 16.47
C GLY A 253 8.35 23.65 17.02
N ALA A 254 9.07 24.58 16.37
CA ALA A 254 9.09 25.95 16.88
C ALA A 254 7.74 26.65 16.72
N SER A 255 6.83 26.14 15.88
CA SER A 255 5.55 26.81 15.83
C SER A 255 4.70 26.56 17.07
N LEU A 256 5.09 25.61 17.92
CA LEU A 256 4.36 25.36 19.16
C LEU A 256 4.74 26.33 20.26
N LYS A 257 5.67 27.24 19.98
CA LYS A 257 6.06 28.27 20.95
C LYS A 257 5.80 29.63 20.32
N GLY A 258 4.83 30.36 20.87
CA GLY A 258 4.38 31.60 20.30
C GLY A 258 5.48 32.61 19.98
N PRO A 259 6.30 32.96 20.99
CA PRO A 259 7.36 33.96 20.76
C PRO A 259 8.35 33.53 19.70
N ASP A 260 8.76 32.26 19.73
CA ASP A 260 9.67 31.71 18.72
C ASP A 260 9.07 31.85 17.33
N PHE A 261 7.82 31.43 17.16
CA PHE A 261 7.16 31.55 15.85
C PHE A 261 7.08 32.99 15.39
N ALA A 262 6.77 33.92 16.31
CA ALA A 262 6.68 35.32 15.92
C ALA A 262 8.01 35.86 15.42
N SER A 263 9.13 35.46 16.06
CA SER A 263 10.41 35.94 15.57
C SER A 263 10.73 35.35 14.20
N ILE A 264 10.22 34.16 13.90
CA ILE A 264 10.44 33.58 12.57
C ILE A 264 9.66 34.36 11.53
N VAL A 265 8.37 34.64 11.81
CA VAL A 265 7.60 35.52 10.93
C VAL A 265 8.34 36.83 10.69
N ASN A 266 8.87 37.43 11.76
CA ASN A 266 9.46 38.76 11.61
C ASN A 266 10.80 38.73 10.89
N SER A 267 11.42 37.56 10.78
CA SER A 267 12.72 37.46 10.11
C SER A 267 12.64 37.77 8.63
N VAL A 268 11.49 37.55 8.01
CA VAL A 268 11.40 37.66 6.55
C VAL A 268 11.03 39.08 6.16
N ALA A 269 11.50 40.08 6.92
CA ALA A 269 11.38 41.48 6.52
C ALA A 269 12.73 42.18 6.64
N GLY B 24 -26.77 -5.31 31.37
CA GLY B 24 -26.28 -4.95 30.04
C GLY B 24 -27.30 -4.19 29.22
N LYS B 25 -26.82 -3.26 28.39
CA LYS B 25 -27.67 -2.42 27.57
C LYS B 25 -27.32 -2.63 26.10
N CYS B 26 -28.33 -2.58 25.24
CA CYS B 26 -28.04 -2.59 23.81
C CYS B 26 -27.32 -1.29 23.42
N PHE B 27 -26.76 -1.25 22.20
CA PHE B 27 -25.85 -0.18 21.80
C PHE B 27 -26.11 0.19 20.35
N VAL B 28 -26.33 1.48 20.07
CA VAL B 28 -26.55 1.93 18.70
C VAL B 28 -25.63 3.13 18.45
N GLY B 29 -24.71 2.97 17.52
CA GLY B 29 -23.77 4.03 17.15
C GLY B 29 -24.11 4.56 15.76
N GLY B 30 -24.00 5.86 15.60
CA GLY B 30 -24.22 6.46 14.30
C GLY B 30 -22.91 6.96 13.75
N ASN B 31 -22.43 6.31 12.71
CA ASN B 31 -21.16 6.69 12.06
C ASN B 31 -21.49 7.67 10.94
N TRP B 32 -21.28 8.97 11.18
CA TRP B 32 -21.58 9.96 10.16
C TRP B 32 -20.62 9.91 8.97
N LYS B 33 -19.50 9.23 9.10
CA LYS B 33 -18.44 9.08 8.10
C LYS B 33 -17.97 10.47 7.66
N CYS B 34 -17.52 10.60 6.41
CA CYS B 34 -16.98 11.88 5.94
C CYS B 34 -18.11 12.71 5.33
N ASN B 35 -18.99 13.20 6.21
CA ASN B 35 -20.20 13.89 5.79
C ASN B 35 -20.55 14.98 6.77
N GLY B 36 -21.08 16.09 6.25
CA GLY B 36 -21.67 17.09 7.10
C GLY B 36 -20.95 18.42 7.01
N THR B 37 -21.69 19.49 7.25
CA THR B 37 -21.16 20.85 7.36
C THR B 37 -21.71 21.43 8.65
N LYS B 38 -21.20 22.60 9.05
CA LYS B 38 -21.76 23.24 10.22
C LYS B 38 -23.28 23.32 10.11
N GLU B 39 -23.77 23.73 8.93
CA GLU B 39 -25.20 23.93 8.75
C GLU B 39 -25.97 22.60 8.81
N SER B 40 -25.51 21.59 8.07
CA SER B 40 -26.23 20.32 8.08
C SER B 40 -26.19 19.67 9.45
N ILE B 41 -25.13 19.92 10.21
CA ILE B 41 -25.04 19.29 11.52
C ILE B 41 -25.92 20.01 12.55
N VAL B 42 -26.14 21.32 12.40
CA VAL B 42 -27.15 21.99 13.22
C VAL B 42 -28.50 21.30 13.06
N ARG B 43 -28.87 21.02 11.81
CA ARG B 43 -30.19 20.43 11.56
C ARG B 43 -30.25 19.01 12.10
N LEU B 44 -29.19 18.22 11.90
CA LEU B 44 -29.17 16.86 12.46
C LEU B 44 -29.23 16.87 13.98
N ILE B 45 -28.44 17.74 14.62
CA ILE B 45 -28.51 17.84 16.07
C ILE B 45 -29.90 18.27 16.51
N SER B 46 -30.48 19.25 15.83
CA SER B 46 -31.85 19.64 16.14
C SER B 46 -32.80 18.44 16.14
N ASP B 47 -32.75 17.62 15.09
CA ASP B 47 -33.67 16.47 14.99
C ASP B 47 -33.34 15.37 15.99
N LEU B 48 -32.05 15.14 16.28
CA LEU B 48 -31.71 14.20 17.34
C LEU B 48 -32.18 14.70 18.70
N ASN B 49 -32.03 16.00 18.97
CA ASN B 49 -32.50 16.53 20.25
C ASN B 49 -34.01 16.36 20.41
N SER B 50 -34.76 16.47 19.33
CA SER B 50 -36.22 16.41 19.43
C SER B 50 -36.75 14.98 19.38
N SER B 51 -35.88 13.99 19.14
CA SER B 51 -36.29 12.60 19.06
C SER B 51 -36.66 12.06 20.43
N LYS B 52 -37.66 11.18 20.46
CA LYS B 52 -37.95 10.42 21.66
C LYS B 52 -37.15 9.12 21.59
N LEU B 53 -36.13 9.00 22.43
CA LEU B 53 -35.28 7.82 22.45
C LEU B 53 -35.54 7.02 23.72
N GLU B 54 -35.77 5.70 23.56
CA GLU B 54 -36.01 4.85 24.72
C GLU B 54 -34.78 4.87 25.65
N PRO B 55 -34.99 4.82 26.97
CA PRO B 55 -33.87 5.10 27.90
C PRO B 55 -32.88 3.97 28.07
N ASP B 56 -33.23 2.74 27.72
CA ASP B 56 -32.37 1.60 28.01
C ASP B 56 -31.49 1.21 26.84
N VAL B 57 -31.10 2.17 25.99
CA VAL B 57 -30.16 1.91 24.90
C VAL B 57 -29.01 2.91 25.02
N ASP B 58 -27.78 2.42 24.87
CA ASP B 58 -26.62 3.31 24.80
C ASP B 58 -26.52 3.86 23.38
N VAL B 59 -26.58 5.18 23.26
CA VAL B 59 -26.60 5.85 21.96
C VAL B 59 -25.33 6.66 21.81
N VAL B 60 -24.67 6.50 20.66
CA VAL B 60 -23.39 7.15 20.36
C VAL B 60 -23.46 7.69 18.93
N VAL B 61 -22.88 8.86 18.69
CA VAL B 61 -22.70 9.35 17.33
C VAL B 61 -21.23 9.70 17.13
N ALA B 62 -20.75 9.56 15.89
CA ALA B 62 -19.34 9.81 15.53
C ALA B 62 -19.25 10.88 14.45
N PRO B 63 -19.10 12.15 14.81
CA PRO B 63 -18.97 13.21 13.80
C PRO B 63 -17.56 13.27 13.24
N PRO B 64 -17.37 13.85 12.06
CA PRO B 64 -16.00 14.14 11.59
C PRO B 64 -15.28 14.99 12.63
N PHE B 65 -13.95 14.87 12.70
CA PHE B 65 -13.18 15.56 13.74
C PHE B 65 -13.55 17.03 13.88
N LEU B 66 -13.63 17.74 12.74
CA LEU B 66 -13.84 19.20 12.76
C LEU B 66 -15.01 19.63 13.61
N TYR B 67 -16.06 18.81 13.66
CA TYR B 67 -17.34 19.21 14.22
C TYR B 67 -17.61 18.60 15.58
N ILE B 68 -16.69 17.82 16.14
CA ILE B 68 -16.96 17.15 17.40
C ILE B 68 -17.26 18.15 18.51
N GLU B 69 -16.55 19.29 18.54
CA GLU B 69 -16.82 20.25 19.62
C GLU B 69 -18.21 20.85 19.51
N GLN B 70 -18.64 21.19 18.29
CA GLN B 70 -19.98 21.71 18.10
C GLN B 70 -21.03 20.70 18.55
N VAL B 71 -20.83 19.43 18.20
CA VAL B 71 -21.78 18.40 18.61
C VAL B 71 -21.78 18.25 20.13
N LYS B 72 -20.59 18.14 20.73
CA LYS B 72 -20.54 18.00 22.18
C LYS B 72 -21.24 19.15 22.87
N SER B 73 -21.12 20.35 22.31
CA SER B 73 -21.67 21.53 22.96
C SER B 73 -23.20 21.58 22.87
N THR B 74 -23.81 21.11 21.78
CA THR B 74 -25.22 21.38 21.59
C THR B 74 -26.11 20.14 21.44
N LEU B 75 -25.53 18.95 21.40
CA LEU B 75 -26.33 17.72 21.37
C LEU B 75 -26.66 17.28 22.80
N THR B 76 -27.89 16.79 22.99
CA THR B 76 -28.30 16.21 24.28
C THR B 76 -27.23 15.31 24.89
N ASP B 77 -26.93 15.51 26.17
CA ASP B 77 -25.91 14.64 26.74
C ASP B 77 -26.40 13.22 26.99
N ARG B 78 -27.65 12.89 26.62
CA ARG B 78 -28.05 11.49 26.61
C ARG B 78 -27.24 10.68 25.58
N ILE B 79 -26.73 11.34 24.55
CA ILE B 79 -25.95 10.68 23.50
C ILE B 79 -24.48 10.95 23.75
N GLU B 80 -23.66 9.90 23.77
CA GLU B 80 -22.22 10.03 23.92
C GLU B 80 -21.55 10.18 22.54
N ILE B 81 -20.31 10.64 22.55
CA ILE B 81 -19.64 11.03 21.31
C ILE B 81 -18.45 10.11 21.02
N ALA B 82 -18.34 9.69 19.76
CA ALA B 82 -17.23 8.87 19.28
C ALA B 82 -16.48 9.62 18.19
N ALA B 83 -15.18 9.34 18.07
CA ALA B 83 -14.43 9.75 16.88
C ALA B 83 -14.34 8.57 15.92
N GLN B 84 -13.96 8.88 14.68
CA GLN B 84 -13.93 7.91 13.60
C GLN B 84 -12.57 7.25 13.38
N ASN B 85 -11.54 7.70 14.08
CA ASN B 85 -10.20 7.17 13.90
C ASN B 85 -9.29 7.83 14.92
N CYS B 86 -8.12 7.21 15.15
CA CYS B 86 -7.03 7.91 15.82
C CYS B 86 -5.72 7.30 15.39
N TRP B 87 -4.62 7.91 15.84
CA TRP B 87 -3.27 7.46 15.54
C TRP B 87 -2.90 6.24 16.39
N ILE B 88 -1.82 5.56 16.01
CA ILE B 88 -1.40 4.33 16.69
C ILE B 88 -0.75 4.58 18.02
N GLY B 89 -0.36 5.81 18.31
CA GLY B 89 0.37 6.11 19.53
C GLY B 89 0.15 7.52 19.99
N LYS B 90 0.91 7.95 20.99
CA LYS B 90 0.77 9.30 21.50
C LYS B 90 1.11 10.32 20.42
N GLY B 91 0.73 11.56 20.68
CA GLY B 91 0.97 12.67 19.76
C GLY B 91 2.45 12.99 19.54
N GLY B 92 2.68 13.84 18.57
CA GLY B 92 4.03 14.16 18.14
C GLY B 92 4.05 14.45 16.64
N ALA B 93 5.12 14.01 15.98
CA ALA B 93 5.39 14.45 14.60
C ALA B 93 4.66 13.55 13.61
N PHE B 94 3.32 13.64 13.64
CA PHE B 94 2.47 12.82 12.77
C PHE B 94 1.44 13.73 12.09
N THR B 95 1.92 14.53 11.14
CA THR B 95 1.07 15.52 10.48
C THR B 95 -0.21 14.88 9.95
N GLY B 96 -1.34 15.51 10.26
CA GLY B 96 -2.63 15.04 9.80
C GLY B 96 -3.39 14.13 10.75
N GLU B 97 -2.73 13.57 11.77
CA GLU B 97 -3.32 12.56 12.64
C GLU B 97 -3.85 13.18 13.94
N ILE B 98 -4.79 12.46 14.57
CA ILE B 98 -5.38 12.86 15.86
C ILE B 98 -5.05 11.76 16.88
N SER B 99 -4.55 12.15 18.05
CA SER B 99 -4.15 11.19 19.09
C SER B 99 -5.32 10.90 20.02
N ALA B 100 -5.28 9.71 20.64
CA ALA B 100 -6.33 9.33 21.57
C ALA B 100 -6.40 10.28 22.77
N GLU B 101 -5.25 10.79 23.23
CA GLU B 101 -5.37 11.75 24.32
C GLU B 101 -6.08 13.01 23.87
N GLN B 102 -5.98 13.37 22.59
CA GLN B 102 -6.75 14.51 22.10
C GLN B 102 -8.24 14.16 22.03
N LEU B 103 -8.56 12.92 21.65
CA LEU B 103 -9.95 12.50 21.69
C LEU B 103 -10.50 12.60 23.11
N LYS B 104 -9.74 12.12 24.08
CA LYS B 104 -10.14 12.27 25.49
C LYS B 104 -10.39 13.74 25.82
N ASP B 105 -9.45 14.60 25.43
CA ASP B 105 -9.50 16.03 25.78
C ASP B 105 -10.73 16.70 25.21
N ILE B 106 -11.11 16.36 23.97
CA ILE B 106 -12.23 17.05 23.31
C ILE B 106 -13.57 16.52 23.79
N GLY B 107 -13.61 15.37 24.47
CA GLY B 107 -14.85 14.89 25.01
C GLY B 107 -15.40 13.59 24.43
N CYS B 108 -14.61 12.89 23.61
CA CYS B 108 -15.03 11.60 23.08
C CYS B 108 -14.94 10.51 24.14
N LYS B 109 -15.96 9.66 24.20
CA LYS B 109 -15.90 8.45 25.03
C LYS B 109 -15.58 7.20 24.23
N TRP B 110 -15.55 7.30 22.90
CA TRP B 110 -15.39 6.17 22.01
C TRP B 110 -14.56 6.57 20.80
N VAL B 111 -13.90 5.59 20.20
CA VAL B 111 -13.28 5.75 18.89
C VAL B 111 -13.59 4.52 18.06
N ILE B 112 -13.95 4.72 16.79
CA ILE B 112 -14.12 3.63 15.84
C ILE B 112 -12.75 3.19 15.33
N LEU B 113 -12.45 1.88 15.43
CA LEU B 113 -11.19 1.36 14.93
C LEU B 113 -11.39 0.18 13.98
N GLY B 114 -10.57 0.15 12.93
CA GLY B 114 -10.63 -0.93 11.96
C GLY B 114 -11.82 -0.91 11.04
N HIS B 115 -12.48 0.24 10.88
CA HIS B 115 -13.61 0.30 9.98
C HIS B 115 -13.23 -0.23 8.60
N SER B 116 -14.19 -0.91 7.95
CA SER B 116 -13.93 -1.51 6.65
C SER B 116 -13.35 -0.52 5.66
N GLU B 117 -13.80 0.74 5.71
CA GLU B 117 -13.28 1.73 4.77
C GLU B 117 -11.81 2.03 5.03
N ARG B 118 -11.40 2.03 6.30
CA ARG B 118 -9.99 2.24 6.59
C ARG B 118 -9.18 0.99 6.25
N ARG B 119 -9.73 -0.20 6.45
CA ARG B 119 -9.00 -1.42 6.09
C ARG B 119 -8.81 -1.53 4.58
N HIS B 120 -9.87 -1.32 3.81
CA HIS B 120 -9.92 -1.75 2.42
C HIS B 120 -9.77 -0.63 1.40
N VAL B 121 -10.17 0.59 1.73
CA VAL B 121 -9.85 1.74 0.88
C VAL B 121 -8.47 2.30 1.24
N MET B 122 -8.07 2.20 2.49
CA MET B 122 -7.01 3.02 3.03
C MET B 122 -5.84 2.15 3.50
N GLY B 123 -5.98 0.83 3.40
CA GLY B 123 -4.87 -0.08 3.61
C GLY B 123 -4.48 -0.37 5.05
N GLU B 124 -5.33 -0.05 6.02
CA GLU B 124 -4.94 -0.35 7.40
C GLU B 124 -4.92 -1.86 7.63
N ASN B 125 -3.82 -2.38 8.18
CA ASN B 125 -3.69 -3.79 8.47
C ASN B 125 -3.90 -4.07 9.96
N ASN B 126 -3.98 -5.35 10.30
CA ASN B 126 -4.38 -5.78 11.64
C ASN B 126 -3.40 -5.32 12.71
N GLU B 127 -2.10 -5.42 12.44
CA GLU B 127 -1.13 -4.98 13.43
C GLU B 127 -1.30 -3.50 13.72
N PHE B 128 -1.53 -2.71 12.66
CA PHE B 128 -1.73 -1.27 12.77
C PHE B 128 -2.96 -0.95 13.62
N ILE B 129 -4.07 -1.60 13.30
CA ILE B 129 -5.30 -1.41 14.07
C ILE B 129 -5.13 -1.88 15.50
N GLY B 130 -4.38 -2.96 15.69
CA GLY B 130 -4.15 -3.45 17.04
C GLY B 130 -3.41 -2.43 17.90
N LYS B 131 -2.45 -1.73 17.31
CA LYS B 131 -1.71 -0.71 18.06
C LYS B 131 -2.62 0.42 18.50
N LYS B 132 -3.53 0.86 17.62
CA LYS B 132 -4.50 1.89 18.00
C LYS B 132 -5.38 1.43 19.16
N ALA B 133 -5.83 0.17 19.14
CA ALA B 133 -6.72 -0.30 20.21
C ALA B 133 -5.99 -0.33 21.55
N ALA B 134 -4.78 -0.86 21.57
CA ALA B 134 -4.00 -0.84 22.80
C ALA B 134 -3.81 0.58 23.31
N TYR B 135 -3.41 1.49 22.41
CA TYR B 135 -3.11 2.83 22.87
C TYR B 135 -4.37 3.60 23.26
N ALA B 136 -5.43 3.53 22.44
CA ALA B 136 -6.65 4.24 22.82
C ALA B 136 -7.19 3.76 24.16
N SER B 137 -7.21 2.45 24.39
CA SER B 137 -7.72 1.99 25.68
C SER B 137 -6.83 2.49 26.82
N SER B 138 -5.52 2.57 26.57
CA SER B 138 -4.60 3.08 27.60
C SER B 138 -4.91 4.52 27.96
N GLN B 139 -5.56 5.27 27.06
CA GLN B 139 -5.97 6.64 27.34
C GLN B 139 -7.40 6.73 27.88
N GLY B 140 -8.04 5.60 28.17
CA GLY B 140 -9.39 5.63 28.69
C GLY B 140 -10.46 5.95 27.68
N VAL B 141 -10.24 5.65 26.40
CA VAL B 141 -11.25 5.82 25.37
C VAL B 141 -11.81 4.46 25.02
N GLY B 142 -13.14 4.36 24.93
CA GLY B 142 -13.74 3.10 24.51
C GLY B 142 -13.49 2.79 23.05
N ILE B 143 -13.53 1.51 22.70
CA ILE B 143 -13.26 1.06 21.34
C ILE B 143 -14.53 0.48 20.74
N ILE B 144 -14.90 0.96 19.56
CA ILE B 144 -15.84 0.25 18.70
C ILE B 144 -14.97 -0.50 17.70
N ALA B 145 -14.77 -1.80 17.96
CA ALA B 145 -13.81 -2.62 17.22
C ALA B 145 -14.50 -3.28 16.02
N CYS B 146 -14.16 -2.82 14.82
CA CYS B 146 -14.83 -3.29 13.61
C CYS B 146 -14.08 -4.46 13.00
N ILE B 147 -14.84 -5.47 12.54
CA ILE B 147 -14.31 -6.63 11.83
C ILE B 147 -15.26 -6.98 10.71
N GLY B 148 -14.79 -7.82 9.78
CA GLY B 148 -15.65 -8.32 8.73
C GLY B 148 -14.87 -8.71 7.50
N GLU B 149 -15.46 -9.59 6.68
CA GLU B 149 -14.77 -10.21 5.55
C GLU B 149 -15.29 -9.69 4.21
N LEU B 150 -14.40 -9.68 3.22
CA LEU B 150 -14.74 -9.30 1.86
C LEU B 150 -15.54 -10.39 1.15
N LEU B 151 -16.19 -10.00 0.04
CA LEU B 151 -16.89 -10.99 -0.78
C LEU B 151 -15.97 -12.13 -1.19
N GLU B 152 -14.77 -11.80 -1.68
CA GLU B 152 -13.85 -12.83 -2.12
C GLU B 152 -13.46 -13.77 -0.98
N GLU B 153 -13.48 -13.28 0.27
CA GLU B 153 -13.09 -14.13 1.38
C GLU B 153 -14.23 -15.04 1.81
N ARG B 154 -15.45 -14.52 1.85
CA ARG B 154 -16.59 -15.38 2.14
C ARG B 154 -16.70 -16.50 1.11
N GLU B 155 -16.46 -16.15 -0.16
CA GLU B 155 -16.55 -17.13 -1.25
C GLU B 155 -15.57 -18.27 -1.04
N ALA B 156 -14.38 -17.97 -0.53
CA ALA B 156 -13.38 -18.98 -0.22
C ALA B 156 -13.70 -19.74 1.07
N ARG B 157 -14.89 -19.57 1.62
CA ARG B 157 -15.25 -20.20 2.88
C ARG B 157 -14.33 -19.74 4.02
N LYS B 158 -13.82 -18.52 3.92
CA LYS B 158 -12.90 -17.98 4.91
C LYS B 158 -13.54 -16.89 5.77
N THR B 159 -14.87 -16.78 5.75
CA THR B 159 -15.57 -15.83 6.61
C THR B 159 -15.00 -15.87 8.03
N PHE B 160 -14.95 -17.06 8.62
CA PHE B 160 -14.59 -17.17 10.03
C PHE B 160 -13.09 -17.06 10.24
N ASP B 161 -12.29 -17.64 9.34
CA ASP B 161 -10.85 -17.43 9.44
C ASP B 161 -10.54 -15.93 9.49
N VAL B 162 -11.12 -15.16 8.59
CA VAL B 162 -10.82 -13.73 8.51
C VAL B 162 -11.33 -13.00 9.76
N CYS B 163 -12.59 -13.22 10.15
CA CYS B 163 -13.11 -12.53 11.32
C CYS B 163 -12.34 -12.92 12.56
N PHE B 164 -11.97 -14.20 12.68
CA PHE B 164 -11.25 -14.64 13.86
C PHE B 164 -9.85 -14.01 13.91
N GLN B 165 -9.17 -13.96 12.76
CA GLN B 165 -7.85 -13.33 12.72
C GLN B 165 -7.94 -11.85 13.10
N GLN B 166 -9.02 -11.19 12.68
CA GLN B 166 -9.22 -9.79 13.05
C GLN B 166 -9.52 -9.65 14.54
N LEU B 167 -10.38 -10.52 15.09
CA LEU B 167 -10.66 -10.48 16.53
C LEU B 167 -9.43 -10.77 17.35
N LYS B 168 -8.61 -11.73 16.93
CA LYS B 168 -7.40 -12.05 17.67
C LYS B 168 -6.47 -10.85 17.74
N ALA B 169 -6.39 -10.07 16.67
CA ALA B 169 -5.52 -8.90 16.67
C ALA B 169 -6.01 -7.87 17.69
N PHE B 170 -7.33 -7.66 17.81
CA PHE B 170 -7.82 -6.86 18.92
C PHE B 170 -7.51 -7.52 20.26
N ALA B 171 -7.83 -8.81 20.40
CA ALA B 171 -7.67 -9.47 21.69
C ALA B 171 -6.22 -9.43 22.17
N ASP B 172 -5.28 -9.73 21.28
CA ASP B 172 -3.86 -9.71 21.63
C ASP B 172 -3.38 -8.34 22.09
N ALA B 173 -4.06 -7.27 21.69
CA ALA B 173 -3.62 -5.91 22.03
C ALA B 173 -4.36 -5.31 23.22
N LEU B 174 -5.57 -5.75 23.51
CA LEU B 174 -6.36 -5.01 24.48
C LEU B 174 -5.96 -5.37 25.91
N PRO B 175 -5.86 -4.38 26.82
CA PRO B 175 -5.61 -4.71 28.23
C PRO B 175 -6.85 -5.22 28.92
N SER B 176 -8.03 -4.88 28.41
CA SER B 176 -9.32 -5.22 28.98
C SER B 176 -10.36 -5.12 27.88
N TRP B 177 -11.46 -5.86 28.06
CA TRP B 177 -12.60 -5.75 27.15
C TRP B 177 -13.73 -4.92 27.73
N GLU B 178 -13.55 -4.32 28.92
CA GLU B 178 -14.67 -3.70 29.61
C GLU B 178 -15.32 -2.60 28.79
N ASN B 179 -14.51 -1.78 28.13
CA ASN B 179 -15.05 -0.66 27.36
C ASN B 179 -14.84 -0.90 25.87
N VAL B 180 -15.28 -2.05 25.40
CA VAL B 180 -15.13 -2.44 24.00
C VAL B 180 -16.46 -2.95 23.51
N VAL B 181 -16.85 -2.54 22.31
CA VAL B 181 -17.97 -3.10 21.59
C VAL B 181 -17.46 -3.59 20.25
N ILE B 182 -17.94 -4.74 19.81
CA ILE B 182 -17.52 -5.33 18.54
C ILE B 182 -18.59 -5.02 17.50
N ALA B 183 -18.17 -4.55 16.33
CA ALA B 183 -19.08 -4.30 15.22
C ALA B 183 -18.73 -5.25 14.08
N TYR B 184 -19.69 -6.08 13.66
CA TYR B 184 -19.47 -6.97 12.52
C TYR B 184 -19.97 -6.28 11.26
N GLU B 185 -19.08 -6.11 10.28
CA GLU B 185 -19.41 -5.47 9.00
C GLU B 185 -19.41 -6.50 7.89
N PRO B 186 -20.57 -6.91 7.36
CA PRO B 186 -20.55 -7.87 6.24
C PRO B 186 -20.10 -7.17 4.97
N VAL B 187 -18.80 -6.89 4.85
CA VAL B 187 -18.32 -6.16 3.69
C VAL B 187 -18.67 -6.88 2.40
N TRP B 188 -18.67 -8.21 2.43
CA TRP B 188 -18.98 -9.02 1.25
C TRP B 188 -20.29 -8.60 0.59
N ALA B 189 -21.24 -8.08 1.37
CA ALA B 189 -22.46 -7.50 0.84
C ALA B 189 -22.18 -6.03 0.50
N ILE B 190 -22.09 -5.72 -0.79
CA ILE B 190 -21.91 -4.35 -1.26
C ILE B 190 -21.66 -4.33 -2.76
N LYS B 194 -24.69 -8.41 -2.29
CA LYS B 194 -26.14 -8.45 -2.10
C LYS B 194 -26.55 -7.83 -0.76
N VAL B 195 -27.63 -8.34 -0.18
CA VAL B 195 -28.12 -7.94 1.13
C VAL B 195 -27.98 -9.12 2.07
N ALA B 196 -27.39 -8.88 3.25
CA ALA B 196 -27.20 -9.95 4.23
C ALA B 196 -28.51 -10.26 4.95
N THR B 197 -28.82 -11.55 5.09
CA THR B 197 -30.04 -11.87 5.83
C THR B 197 -29.80 -11.83 7.34
N PRO B 198 -30.85 -11.60 8.13
CA PRO B 198 -30.70 -11.70 9.59
C PRO B 198 -30.10 -13.03 10.04
N GLU B 199 -30.39 -14.12 9.31
CA GLU B 199 -29.80 -15.41 9.65
C GLU B 199 -28.29 -15.40 9.41
N GLN B 200 -27.86 -14.83 8.28
CA GLN B 200 -26.44 -14.72 8.00
C GLN B 200 -25.74 -13.81 9.00
N ALA B 201 -26.39 -12.74 9.42
CA ALA B 201 -25.81 -11.89 10.46
C ALA B 201 -25.70 -12.63 11.78
N GLN B 202 -26.81 -13.22 12.24
CA GLN B 202 -26.79 -13.95 13.50
C GLN B 202 -25.75 -15.08 13.46
N GLU B 203 -25.60 -15.73 12.31
CA GLU B 203 -24.60 -16.79 12.20
C GLU B 203 -23.23 -16.28 12.63
N VAL B 204 -22.85 -15.09 12.18
CA VAL B 204 -21.52 -14.57 12.50
C VAL B 204 -21.47 -14.09 13.95
N HIS B 205 -22.50 -13.36 14.39
CA HIS B 205 -22.49 -12.86 15.76
C HIS B 205 -22.35 -14.00 16.76
N ALA B 206 -23.03 -15.13 16.51
CA ALA B 206 -22.90 -16.28 17.38
C ALA B 206 -21.46 -16.81 17.38
N ALA B 207 -20.85 -16.85 16.20
CA ALA B 207 -19.48 -17.35 16.10
C ALA B 207 -18.50 -16.40 16.79
N ILE B 208 -18.72 -15.10 16.64
CA ILE B 208 -17.92 -14.11 17.36
C ILE B 208 -18.04 -14.33 18.86
N ARG B 209 -19.27 -14.47 19.37
CA ARG B 209 -19.43 -14.61 20.82
C ARG B 209 -18.85 -15.93 21.31
N ASP B 210 -18.95 -16.99 20.51
CA ASP B 210 -18.29 -18.24 20.85
C ASP B 210 -16.77 -18.04 20.93
N TRP B 211 -16.19 -17.36 19.94
CA TRP B 211 -14.75 -17.13 19.93
C TRP B 211 -14.30 -16.40 21.20
N LEU B 212 -15.05 -15.38 21.62
CA LEU B 212 -14.74 -14.70 22.87
C LEU B 212 -14.76 -15.68 24.04
N ASN B 213 -15.83 -16.49 24.13
CA ASN B 213 -15.99 -17.48 25.19
C ASN B 213 -14.77 -18.38 25.29
N LYS B 214 -14.29 -18.87 24.14
CA LYS B 214 -13.21 -19.85 24.12
C LYS B 214 -11.84 -19.20 24.25
N ASN B 215 -11.66 -17.98 23.75
CA ASN B 215 -10.34 -17.38 23.69
C ASN B 215 -10.12 -16.25 24.68
N VAL B 216 -11.17 -15.77 25.37
CA VAL B 216 -11.00 -14.75 26.39
C VAL B 216 -11.58 -15.24 27.71
N SER B 217 -12.91 -15.29 27.81
CA SER B 217 -13.53 -15.77 29.03
C SER B 217 -15.05 -15.77 28.83
N SER B 218 -15.74 -16.45 29.76
CA SER B 218 -17.20 -16.48 29.73
C SER B 218 -17.78 -15.12 30.08
N GLU B 219 -17.15 -14.38 30.99
CA GLU B 219 -17.71 -13.10 31.39
C GLU B 219 -17.61 -12.08 30.25
N VAL B 220 -16.51 -12.09 29.51
CA VAL B 220 -16.37 -11.20 28.36
C VAL B 220 -17.36 -11.58 27.26
N ALA B 221 -17.52 -12.88 27.03
CA ALA B 221 -18.44 -13.31 25.97
C ALA B 221 -19.86 -12.82 26.23
N SER B 222 -20.31 -12.83 27.48
CA SER B 222 -21.68 -12.41 27.77
C SER B 222 -21.81 -10.91 27.95
N GLU B 223 -20.76 -10.23 28.41
CA GLU B 223 -20.86 -8.79 28.64
C GLU B 223 -20.61 -7.95 27.41
N THR B 224 -19.89 -8.46 26.41
CA THR B 224 -19.51 -7.63 25.26
C THR B 224 -20.67 -7.47 24.30
N ARG B 225 -21.04 -6.22 24.00
CA ARG B 225 -22.03 -5.99 22.94
C ARG B 225 -21.41 -6.30 21.58
N ILE B 226 -22.15 -7.05 20.77
CA ILE B 226 -21.75 -7.33 19.39
C ILE B 226 -22.82 -6.71 18.51
N ILE B 227 -22.44 -5.68 17.75
CA ILE B 227 -23.42 -4.89 17.03
C ILE B 227 -23.23 -5.15 15.55
N TYR B 228 -24.34 -5.06 14.82
CA TYR B 228 -24.33 -5.37 13.40
C TYR B 228 -24.06 -4.09 12.62
N GLY B 229 -23.08 -4.17 11.71
CA GLY B 229 -22.66 -2.97 11.00
C GLY B 229 -22.88 -3.02 9.51
N GLY B 230 -23.68 -3.97 9.04
CA GLY B 230 -24.12 -3.95 7.67
C GLY B 230 -25.13 -2.83 7.43
N SER B 231 -25.60 -2.72 6.20
CA SER B 231 -26.51 -1.63 5.85
C SER B 231 -27.83 -1.78 6.63
N VAL B 232 -28.13 -0.78 7.46
CA VAL B 232 -29.29 -0.84 8.35
C VAL B 232 -30.01 0.51 8.38
N ASN B 233 -31.33 0.46 8.30
CA ASN B 233 -32.16 1.67 8.39
C ASN B 233 -33.44 1.31 9.14
N GLY B 234 -34.31 2.31 9.29
CA GLY B 234 -35.51 2.12 10.10
C GLY B 234 -36.49 1.12 9.53
N SER B 235 -36.27 0.69 8.28
CA SER B 235 -37.18 -0.22 7.59
C SER B 235 -36.67 -1.66 7.54
N ASN B 236 -35.44 -1.94 8.01
CA ASN B 236 -34.94 -3.31 8.10
C ASN B 236 -34.27 -3.67 9.42
N CYS B 237 -34.28 -2.78 10.41
CA CYS B 237 -33.62 -3.07 11.68
C CYS B 237 -34.43 -4.02 12.56
N SER B 238 -35.76 -4.05 12.44
CA SER B 238 -36.54 -4.80 13.44
C SER B 238 -36.27 -6.30 13.37
N GLU B 239 -36.12 -6.87 12.17
CA GLU B 239 -35.86 -8.31 12.10
C GLU B 239 -34.43 -8.65 12.50
N LEU B 240 -33.48 -7.74 12.29
CA LEU B 240 -32.13 -7.96 12.80
C LEU B 240 -32.09 -7.85 14.32
N ALA B 241 -32.85 -6.90 14.89
CA ALA B 241 -32.85 -6.69 16.32
C ALA B 241 -33.33 -7.92 17.09
N LYS B 242 -34.18 -8.74 16.48
CA LYS B 242 -34.72 -9.89 17.19
C LYS B 242 -33.70 -11.00 17.38
N LYS B 243 -32.64 -11.02 16.58
CA LYS B 243 -31.68 -12.11 16.66
C LYS B 243 -30.92 -12.11 17.99
N GLU B 244 -30.65 -13.33 18.47
CA GLU B 244 -30.21 -13.54 19.83
C GLU B 244 -28.88 -12.83 20.14
N ASP B 245 -27.93 -12.89 19.22
CA ASP B 245 -26.61 -12.33 19.47
C ASP B 245 -26.37 -10.98 18.79
N ILE B 246 -27.43 -10.30 18.35
CA ILE B 246 -27.29 -8.98 17.76
C ILE B 246 -27.68 -7.97 18.84
N ASP B 247 -26.68 -7.26 19.39
CA ASP B 247 -26.89 -6.40 20.54
C ASP B 247 -27.13 -4.94 20.15
N GLY B 248 -27.38 -4.65 18.89
CA GLY B 248 -27.50 -3.28 18.43
C GLY B 248 -26.86 -3.14 17.06
N PHE B 249 -26.50 -1.89 16.71
CA PHE B 249 -26.09 -1.58 15.34
C PHE B 249 -25.04 -0.48 15.33
N LEU B 250 -24.18 -0.55 14.32
CA LEU B 250 -23.31 0.54 13.90
C LEU B 250 -23.89 1.05 12.59
N VAL B 251 -24.56 2.18 12.63
CA VAL B 251 -25.38 2.67 11.52
C VAL B 251 -24.55 3.58 10.62
N GLY B 252 -24.67 3.39 9.31
CA GLY B 252 -23.99 4.27 8.38
C GLY B 252 -24.87 5.43 7.93
N GLY B 253 -25.28 5.42 6.66
CA GLY B 253 -25.98 6.55 6.10
C GLY B 253 -27.26 6.92 6.81
N ALA B 254 -27.99 5.94 7.35
CA ALA B 254 -29.23 6.29 8.04
C ALA B 254 -28.99 7.16 9.28
N SER B 255 -27.76 7.22 9.80
CA SER B 255 -27.51 8.04 10.97
C SER B 255 -27.49 9.53 10.64
N LEU B 256 -27.45 9.90 9.36
CA LEU B 256 -27.50 11.30 8.96
C LEU B 256 -28.91 11.86 8.96
N LYS B 257 -29.90 11.06 9.32
CA LYS B 257 -31.27 11.58 9.40
C LYS B 257 -31.90 11.22 10.73
N GLY B 258 -32.34 12.24 11.46
CA GLY B 258 -32.82 12.03 12.81
C GLY B 258 -33.88 10.96 12.93
N PRO B 259 -34.98 11.09 12.17
CA PRO B 259 -36.07 10.09 12.31
C PRO B 259 -35.63 8.66 12.08
N ASP B 260 -34.88 8.41 11.00
CA ASP B 260 -34.38 7.07 10.72
C ASP B 260 -33.53 6.55 11.88
N PHE B 261 -32.58 7.37 12.32
CA PHE B 261 -31.69 6.95 13.40
C PHE B 261 -32.48 6.66 14.68
N ALA B 262 -33.43 7.53 15.02
CA ALA B 262 -34.19 7.31 16.24
C ALA B 262 -34.98 6.01 16.16
N SER B 263 -35.53 5.70 14.98
CA SER B 263 -36.26 4.45 14.84
C SER B 263 -35.36 3.23 15.05
N ILE B 264 -34.11 3.31 14.61
CA ILE B 264 -33.17 2.22 14.84
C ILE B 264 -32.84 2.08 16.32
N VAL B 265 -32.59 3.20 17.01
CA VAL B 265 -32.38 3.17 18.46
C VAL B 265 -33.56 2.47 19.12
N ASN B 266 -34.77 2.91 18.79
CA ASN B 266 -35.94 2.40 19.50
C ASN B 266 -36.26 0.95 19.14
N SER B 267 -35.69 0.41 18.05
CA SER B 267 -35.92 -0.99 17.71
C SER B 267 -35.25 -1.97 18.67
N VAL B 268 -34.20 -1.58 19.37
CA VAL B 268 -33.51 -2.49 20.29
C VAL B 268 -33.87 -2.22 21.76
N ALA B 269 -34.82 -1.32 22.01
CA ALA B 269 -35.20 -1.02 23.39
C ALA B 269 -36.18 -2.04 23.94
N LYS C 25 0.70 -6.67 -39.08
CA LYS C 25 0.21 -5.44 -38.47
C LYS C 25 -0.68 -5.77 -37.26
N CYS C 26 -1.75 -6.53 -37.49
CA CYS C 26 -2.60 -6.94 -36.37
C CYS C 26 -1.78 -7.79 -35.38
N PHE C 27 -2.21 -7.82 -34.12
CA PHE C 27 -1.41 -8.40 -33.04
C PHE C 27 -2.34 -9.09 -32.05
N VAL C 28 -2.08 -10.35 -31.75
CA VAL C 28 -2.87 -11.09 -30.77
C VAL C 28 -1.92 -11.69 -29.74
N GLY C 29 -2.10 -11.30 -28.49
CA GLY C 29 -1.27 -11.79 -27.39
C GLY C 29 -2.10 -12.65 -26.46
N GLY C 30 -1.50 -13.74 -25.99
CA GLY C 30 -2.18 -14.57 -25.04
C GLY C 30 -1.52 -14.49 -23.68
N ASN C 31 -2.20 -13.90 -22.70
CA ASN C 31 -1.67 -13.76 -21.34
C ASN C 31 -2.13 -14.97 -20.54
N TRP C 32 -1.22 -15.92 -20.31
CA TRP C 32 -1.58 -17.12 -19.56
C TRP C 32 -1.80 -16.82 -18.08
N LYS C 33 -1.30 -15.68 -17.58
CA LYS C 33 -1.42 -15.26 -16.18
C LYS C 33 -0.78 -16.32 -15.31
N CYS C 34 -1.27 -16.50 -14.08
CA CYS C 34 -0.61 -17.41 -13.14
C CYS C 34 -1.24 -18.79 -13.25
N ASN C 35 -1.05 -19.41 -14.40
CA ASN C 35 -1.68 -20.69 -14.69
C ASN C 35 -0.73 -21.60 -15.46
N GLY C 36 -0.89 -22.90 -15.25
CA GLY C 36 -0.21 -23.86 -16.08
C GLY C 36 0.79 -24.69 -15.29
N THR C 37 1.03 -25.90 -15.77
CA THR C 37 2.06 -26.79 -15.27
C THR C 37 2.84 -27.32 -16.48
N LYS C 38 3.97 -28.00 -16.23
CA LYS C 38 4.69 -28.57 -17.36
C LYS C 38 3.75 -29.37 -18.25
N GLU C 39 2.90 -30.20 -17.64
CA GLU C 39 2.02 -31.08 -18.42
C GLU C 39 0.95 -30.28 -19.16
N SER C 40 0.31 -29.31 -18.50
CA SER C 40 -0.75 -28.59 -19.20
C SER C 40 -0.18 -27.71 -20.30
N ILE C 41 1.03 -27.21 -20.11
CA ILE C 41 1.66 -26.40 -21.13
C ILE C 41 2.12 -27.24 -22.33
N VAL C 42 2.55 -28.50 -22.10
CA VAL C 42 2.77 -29.41 -23.22
C VAL C 42 1.52 -29.49 -24.09
N ARG C 43 0.36 -29.70 -23.45
CA ARG C 43 -0.88 -29.80 -24.21
C ARG C 43 -1.17 -28.51 -24.95
N LEU C 44 -0.98 -27.37 -24.28
CA LEU C 44 -1.25 -26.09 -24.92
C LEU C 44 -0.31 -25.83 -26.10
N ILE C 45 1.00 -26.08 -25.91
CA ILE C 45 1.93 -25.92 -27.01
C ILE C 45 1.53 -26.81 -28.20
N SER C 46 1.14 -28.05 -27.90
CA SER C 46 0.76 -28.96 -28.98
C SER C 46 -0.41 -28.41 -29.78
N ASP C 47 -1.45 -27.93 -29.08
CA ASP C 47 -2.60 -27.35 -29.77
C ASP C 47 -2.20 -26.11 -30.57
N LEU C 48 -1.35 -25.24 -29.99
CA LEU C 48 -0.91 -24.05 -30.73
C LEU C 48 -0.12 -24.44 -31.98
N ASN C 49 0.75 -25.44 -31.87
CA ASN C 49 1.58 -25.84 -33.01
C ASN C 49 0.74 -26.39 -34.16
N SER C 50 -0.34 -27.09 -33.85
CA SER C 50 -1.15 -27.68 -34.91
C SER C 50 -2.27 -26.77 -35.37
N SER C 51 -2.38 -25.58 -34.77
CA SER C 51 -3.37 -24.60 -35.21
C SER C 51 -2.98 -24.07 -36.57
N LYS C 52 -3.98 -23.79 -37.40
CA LYS C 52 -3.74 -23.10 -38.67
C LYS C 52 -3.94 -21.61 -38.41
N LEU C 53 -2.86 -20.93 -38.05
CA LEU C 53 -2.93 -19.51 -37.73
C LEU C 53 -2.66 -18.70 -38.97
N GLU C 54 -3.53 -17.73 -39.24
CA GLU C 54 -3.36 -16.93 -40.44
C GLU C 54 -2.07 -16.12 -40.33
N PRO C 55 -1.21 -16.15 -41.35
CA PRO C 55 0.12 -15.53 -41.21
C PRO C 55 0.12 -14.02 -41.21
N ASP C 56 -1.01 -13.36 -41.44
CA ASP C 56 -1.01 -11.90 -41.44
C ASP C 56 -1.12 -11.28 -40.03
N VAL C 57 -0.99 -12.06 -38.96
CA VAL C 57 -1.19 -11.56 -37.60
C VAL C 57 0.03 -11.90 -36.76
N ASP C 58 0.57 -10.90 -36.05
CA ASP C 58 1.62 -11.15 -35.08
C ASP C 58 1.01 -11.84 -33.85
N VAL C 59 1.50 -13.03 -33.50
CA VAL C 59 0.99 -13.79 -32.36
C VAL C 59 2.08 -13.91 -31.30
N VAL C 60 1.69 -13.75 -30.03
CA VAL C 60 2.60 -13.73 -28.89
C VAL C 60 1.93 -14.46 -27.74
N VAL C 61 2.68 -15.27 -27.00
CA VAL C 61 2.16 -15.87 -25.77
C VAL C 61 3.04 -15.48 -24.60
N ALA C 62 2.41 -15.29 -23.44
CA ALA C 62 3.10 -14.89 -22.21
C ALA C 62 2.98 -16.00 -21.17
N PRO C 63 3.94 -16.93 -21.13
CA PRO C 63 3.90 -17.96 -20.09
C PRO C 63 4.44 -17.44 -18.76
N PRO C 64 4.09 -18.10 -17.66
CA PRO C 64 4.76 -17.83 -16.39
C PRO C 64 6.27 -18.02 -16.50
N PHE C 65 7.00 -17.26 -15.68
CA PHE C 65 8.47 -17.26 -15.75
C PHE C 65 9.04 -18.67 -15.80
N LEU C 66 8.56 -19.56 -14.93
CA LEU C 66 9.15 -20.90 -14.79
C LEU C 66 9.19 -21.64 -16.12
N TYR C 67 8.21 -21.40 -16.98
CA TYR C 67 8.01 -22.25 -18.14
C TYR C 67 8.44 -21.58 -19.43
N ILE C 68 9.00 -20.37 -19.38
CA ILE C 68 9.34 -19.67 -20.62
C ILE C 68 10.35 -20.46 -21.46
N GLU C 69 11.36 -21.05 -20.82
CA GLU C 69 12.35 -21.76 -21.62
C GLU C 69 11.75 -22.97 -22.33
N GLN C 70 10.88 -23.71 -21.63
CA GLN C 70 10.18 -24.84 -22.25
C GLN C 70 9.37 -24.40 -23.46
N VAL C 71 8.60 -23.30 -23.31
CA VAL C 71 7.81 -22.79 -24.44
C VAL C 71 8.73 -22.38 -25.58
N LYS C 72 9.81 -21.67 -25.26
CA LYS C 72 10.73 -21.20 -26.29
C LYS C 72 11.33 -22.35 -27.07
N SER C 73 11.63 -23.46 -26.38
CA SER C 73 12.25 -24.62 -27.03
C SER C 73 11.29 -25.36 -27.97
N THR C 74 10.00 -25.44 -27.63
CA THR C 74 9.11 -26.35 -28.34
C THR C 74 7.92 -25.69 -29.04
N LEU C 75 7.64 -24.42 -28.78
CA LEU C 75 6.59 -23.72 -29.51
C LEU C 75 7.10 -23.21 -30.84
N THR C 76 6.28 -23.36 -31.89
CA THR C 76 6.65 -22.85 -33.21
C THR C 76 7.24 -21.44 -33.13
N ASP C 77 8.34 -21.23 -33.84
CA ASP C 77 8.93 -19.89 -33.80
C ASP C 77 8.10 -18.87 -34.56
N ARG C 78 7.02 -19.27 -35.22
CA ARG C 78 6.10 -18.26 -35.74
C ARG C 78 5.42 -17.47 -34.62
N ILE C 79 5.46 -17.95 -33.38
CA ILE C 79 4.86 -17.25 -32.24
C ILE C 79 5.98 -16.73 -31.36
N GLU C 80 5.90 -15.44 -30.96
CA GLU C 80 6.92 -14.83 -30.13
C GLU C 80 6.54 -14.94 -28.65
N ILE C 81 7.51 -14.74 -27.77
CA ILE C 81 7.31 -15.00 -26.33
C ILE C 81 7.36 -13.69 -25.56
N ALA C 82 6.39 -13.51 -24.65
CA ALA C 82 6.38 -12.39 -23.72
C ALA C 82 6.53 -12.92 -22.29
N ALA C 83 7.06 -12.07 -21.41
CA ALA C 83 6.92 -12.26 -19.97
C ALA C 83 5.78 -11.40 -19.44
N GLN C 84 5.33 -11.73 -18.24
CA GLN C 84 4.17 -11.09 -17.65
C GLN C 84 4.53 -9.90 -16.76
N ASN C 85 5.82 -9.67 -16.50
CA ASN C 85 6.26 -8.61 -15.61
C ASN C 85 7.78 -8.59 -15.61
N CYS C 86 8.36 -7.50 -15.09
CA CYS C 86 9.78 -7.44 -14.78
C CYS C 86 9.99 -6.34 -13.74
N TRP C 87 11.22 -6.24 -13.24
CA TRP C 87 11.56 -5.30 -12.19
C TRP C 87 11.73 -3.89 -12.76
N ILE C 88 11.65 -2.89 -11.88
CA ILE C 88 11.81 -1.49 -12.29
C ILE C 88 13.19 -1.17 -12.88
N GLY C 89 14.23 -1.89 -12.52
CA GLY C 89 15.57 -1.55 -12.97
C GLY C 89 16.43 -2.78 -13.16
N LYS C 90 17.75 -2.61 -13.28
CA LYS C 90 18.62 -3.76 -13.52
C LYS C 90 18.60 -4.67 -12.30
N GLY C 91 19.22 -5.84 -12.47
CA GLY C 91 19.18 -6.84 -11.44
C GLY C 91 20.00 -6.49 -10.23
N GLY C 92 19.88 -7.32 -9.20
CA GLY C 92 20.62 -7.11 -7.98
C GLY C 92 19.91 -7.65 -6.76
N ALA C 93 19.88 -6.85 -5.70
CA ALA C 93 19.37 -7.31 -4.41
C ALA C 93 17.85 -7.15 -4.36
N PHE C 94 17.17 -7.93 -5.22
CA PHE C 94 15.73 -7.85 -5.35
C PHE C 94 15.14 -9.27 -5.36
N THR C 95 15.20 -9.94 -4.20
CA THR C 95 14.71 -11.31 -4.08
C THR C 95 13.30 -11.45 -4.63
N GLY C 96 13.12 -12.42 -5.54
CA GLY C 96 11.83 -12.70 -6.12
C GLY C 96 11.59 -12.09 -7.49
N GLU C 97 12.37 -11.08 -7.88
CA GLU C 97 12.11 -10.33 -9.11
C GLU C 97 12.95 -10.84 -10.27
N ILE C 98 12.48 -10.55 -11.48
CA ILE C 98 13.16 -10.90 -12.74
C ILE C 98 13.49 -9.62 -13.49
N SER C 99 14.72 -9.49 -13.94
CA SER C 99 15.10 -8.24 -14.59
C SER C 99 14.90 -8.35 -16.10
N ALA C 100 14.75 -7.18 -16.73
CA ALA C 100 14.53 -7.17 -18.18
C ALA C 100 15.71 -7.75 -18.96
N GLU C 101 16.93 -7.61 -18.44
CA GLU C 101 18.05 -8.23 -19.16
C GLU C 101 18.00 -9.75 -19.05
N GLN C 102 17.39 -10.26 -17.98
CA GLN C 102 17.15 -11.70 -17.91
C GLN C 102 16.08 -12.13 -18.91
N LEU C 103 15.01 -11.35 -19.05
CA LEU C 103 14.02 -11.62 -20.09
C LEU C 103 14.69 -11.69 -21.47
N LYS C 104 15.57 -10.73 -21.74
CA LYS C 104 16.31 -10.73 -23.00
C LYS C 104 17.12 -12.01 -23.15
N ASP C 105 17.87 -12.37 -22.11
CA ASP C 105 18.71 -13.56 -22.14
C ASP C 105 17.91 -14.83 -22.43
N ILE C 106 16.73 -14.97 -21.83
CA ILE C 106 15.97 -16.22 -21.93
C ILE C 106 15.22 -16.34 -23.26
N GLY C 107 15.09 -15.25 -24.00
CA GLY C 107 14.48 -15.29 -25.31
C GLY C 107 13.16 -14.55 -25.47
N CYS C 108 12.72 -13.75 -24.49
CA CYS C 108 11.47 -13.01 -24.64
C CYS C 108 11.69 -11.84 -25.58
N LYS C 109 10.70 -11.58 -26.44
CA LYS C 109 10.69 -10.38 -27.26
C LYS C 109 9.81 -9.29 -26.68
N TRP C 110 9.05 -9.59 -25.63
CA TRP C 110 8.04 -8.69 -25.11
C TRP C 110 7.94 -8.86 -23.60
N VAL C 111 7.51 -7.81 -22.93
CA VAL C 111 7.06 -7.90 -21.54
C VAL C 111 5.75 -7.13 -21.38
N ILE C 112 4.80 -7.73 -20.66
CA ILE C 112 3.56 -7.06 -20.28
C ILE C 112 3.84 -6.14 -19.07
N LEU C 113 3.48 -4.86 -19.20
CA LEU C 113 3.71 -3.89 -18.13
C LEU C 113 2.42 -3.16 -17.77
N GLY C 114 2.21 -2.92 -16.48
CA GLY C 114 1.02 -2.21 -16.02
C GLY C 114 -0.30 -2.93 -16.19
N HIS C 115 -0.27 -4.25 -16.35
CA HIS C 115 -1.51 -5.01 -16.37
C HIS C 115 -2.42 -4.64 -15.20
N SER C 116 -3.72 -4.63 -15.45
CA SER C 116 -4.72 -4.27 -14.45
C SER C 116 -4.55 -5.05 -13.15
N GLU C 117 -4.15 -6.32 -13.24
CA GLU C 117 -4.02 -7.09 -12.01
C GLU C 117 -2.85 -6.58 -11.18
N ARG C 118 -1.75 -6.20 -11.83
CA ARG C 118 -0.65 -5.65 -11.06
C ARG C 118 -0.99 -4.26 -10.51
N ARG C 119 -1.79 -3.48 -11.24
CA ARG C 119 -2.21 -2.18 -10.72
C ARG C 119 -3.14 -2.33 -9.52
N HIS C 120 -4.23 -3.09 -9.69
CA HIS C 120 -5.33 -3.00 -8.75
C HIS C 120 -5.35 -4.09 -7.69
N VAL C 121 -4.66 -5.20 -7.90
CA VAL C 121 -4.50 -6.20 -6.86
C VAL C 121 -3.17 -6.05 -6.13
N MET C 122 -2.12 -5.66 -6.85
CA MET C 122 -0.78 -5.59 -6.28
C MET C 122 -0.28 -4.16 -6.09
N GLY C 123 -1.06 -3.16 -6.48
CA GLY C 123 -0.78 -1.80 -6.10
C GLY C 123 0.28 -1.09 -6.91
N GLU C 124 0.61 -1.57 -8.10
CA GLU C 124 1.57 -0.86 -8.96
C GLU C 124 0.95 0.45 -9.44
N ASN C 125 1.70 1.54 -9.31
CA ASN C 125 1.22 2.84 -9.78
C ASN C 125 2.01 3.30 -11.02
N ASN C 126 1.62 4.46 -11.55
CA ASN C 126 2.06 4.90 -12.87
C ASN C 126 3.56 5.17 -12.93
N GLU C 127 4.15 5.74 -11.87
CA GLU C 127 5.57 5.99 -12.03
C GLU C 127 6.39 4.72 -11.82
N PHE C 128 5.90 3.82 -10.95
CA PHE C 128 6.48 2.49 -10.87
C PHE C 128 6.46 1.81 -12.23
N ILE C 129 5.29 1.83 -12.89
CA ILE C 129 5.16 1.22 -14.21
C ILE C 129 6.02 1.95 -15.25
N GLY C 130 6.11 3.28 -15.15
CA GLY C 130 6.90 4.02 -16.12
C GLY C 130 8.39 3.68 -16.03
N LYS C 131 8.89 3.44 -14.83
CA LYS C 131 10.28 3.04 -14.70
C LYS C 131 10.52 1.69 -15.36
N LYS C 132 9.60 0.74 -15.17
CA LYS C 132 9.72 -0.55 -15.83
C LYS C 132 9.77 -0.37 -17.34
N ALA C 133 8.88 0.46 -17.89
CA ALA C 133 8.83 0.66 -19.33
C ALA C 133 10.16 1.21 -19.86
N ALA C 134 10.67 2.25 -19.21
CA ALA C 134 11.93 2.85 -19.66
C ALA C 134 13.07 1.85 -19.57
N TYR C 135 13.15 1.11 -18.45
CA TYR C 135 14.25 0.17 -18.31
C TYR C 135 14.10 -0.98 -19.31
N ALA C 136 12.91 -1.58 -19.40
CA ALA C 136 12.74 -2.70 -20.31
C ALA C 136 13.07 -2.31 -21.75
N SER C 137 12.67 -1.09 -22.15
CA SER C 137 12.97 -0.62 -23.50
C SER C 137 14.47 -0.45 -23.68
N SER C 138 15.14 0.05 -22.64
CA SER C 138 16.59 0.21 -22.69
C SER C 138 17.31 -1.13 -22.92
N GLN C 139 16.71 -2.24 -22.51
CA GLN C 139 17.31 -3.55 -22.70
C GLN C 139 16.87 -4.24 -23.99
N GLY C 140 16.11 -3.55 -24.84
CA GLY C 140 15.67 -4.15 -26.09
C GLY C 140 14.49 -5.10 -26.00
N VAL C 141 13.66 -5.00 -24.96
CA VAL C 141 12.48 -5.85 -24.84
C VAL C 141 11.24 -5.05 -25.27
N GLY C 142 10.43 -5.66 -26.15
CA GLY C 142 9.17 -5.04 -26.52
C GLY C 142 8.25 -4.88 -25.33
N ILE C 143 7.36 -3.90 -25.41
CA ILE C 143 6.47 -3.58 -24.30
C ILE C 143 5.02 -3.73 -24.75
N ILE C 144 4.24 -4.49 -23.99
CA ILE C 144 2.79 -4.49 -24.09
C ILE C 144 2.31 -3.62 -22.93
N ALA C 145 1.95 -2.36 -23.24
CA ALA C 145 1.68 -1.38 -22.20
C ALA C 145 0.17 -1.33 -21.93
N CYS C 146 -0.23 -1.73 -20.72
CA CYS C 146 -1.63 -1.90 -20.39
C CYS C 146 -2.16 -0.63 -19.69
N ILE C 147 -3.34 -0.17 -20.12
CA ILE C 147 -4.02 0.97 -19.51
C ILE C 147 -5.50 0.62 -19.37
N GLY C 148 -6.20 1.40 -18.55
CA GLY C 148 -7.64 1.22 -18.41
C GLY C 148 -8.16 1.75 -17.09
N GLU C 149 -9.45 2.09 -17.10
CA GLU C 149 -10.05 2.79 -15.97
C GLU C 149 -10.98 1.87 -15.20
N LEU C 150 -11.07 2.13 -13.90
CA LEU C 150 -12.00 1.44 -13.01
C LEU C 150 -13.43 1.93 -13.23
N LEU C 151 -14.38 1.12 -12.77
CA LEU C 151 -15.79 1.48 -12.87
C LEU C 151 -16.07 2.81 -12.18
N GLU C 152 -15.62 2.94 -10.93
CA GLU C 152 -15.74 4.21 -10.23
C GLU C 152 -15.30 5.36 -11.12
N GLU C 153 -14.16 5.20 -11.81
CA GLU C 153 -13.60 6.29 -12.60
C GLU C 153 -14.41 6.55 -13.86
N ARG C 154 -14.89 5.49 -14.52
CA ARG C 154 -15.74 5.69 -15.69
C ARG C 154 -17.00 6.45 -15.33
N GLU C 155 -17.60 6.11 -14.18
CA GLU C 155 -18.83 6.77 -13.78
C GLU C 155 -18.59 8.23 -13.44
N ALA C 156 -17.40 8.57 -12.97
CA ALA C 156 -17.04 9.97 -12.74
C ALA C 156 -16.74 10.72 -14.03
N ARG C 157 -17.10 10.16 -15.18
CA ARG C 157 -16.73 10.72 -16.49
C ARG C 157 -15.22 10.90 -16.60
N LYS C 158 -14.44 10.02 -15.97
CA LYS C 158 -12.99 10.13 -15.96
C LYS C 158 -12.30 9.07 -16.81
N THR C 159 -13.03 8.39 -17.69
CA THR C 159 -12.42 7.39 -18.57
C THR C 159 -11.20 7.95 -19.28
N PHE C 160 -11.34 9.13 -19.88
CA PHE C 160 -10.27 9.64 -20.72
C PHE C 160 -9.19 10.32 -19.89
N ASP C 161 -9.58 10.99 -18.79
CA ASP C 161 -8.58 11.52 -17.85
C ASP C 161 -7.63 10.42 -17.41
N VAL C 162 -8.19 9.32 -16.91
CA VAL C 162 -7.36 8.26 -16.33
C VAL C 162 -6.50 7.62 -17.42
N CYS C 163 -7.11 7.20 -18.52
CA CYS C 163 -6.35 6.60 -19.62
C CYS C 163 -5.24 7.53 -20.09
N PHE C 164 -5.50 8.84 -20.09
CA PHE C 164 -4.49 9.78 -20.56
C PHE C 164 -3.39 9.97 -19.52
N GLN C 165 -3.73 9.95 -18.22
CA GLN C 165 -2.68 9.95 -17.21
C GLN C 165 -1.78 8.72 -17.37
N GLN C 166 -2.40 7.55 -17.59
CA GLN C 166 -1.64 6.32 -17.71
C GLN C 166 -0.76 6.34 -18.95
N LEU C 167 -1.31 6.78 -20.08
CA LEU C 167 -0.53 6.92 -21.31
C LEU C 167 0.60 7.91 -21.12
N LYS C 168 0.32 9.03 -20.44
CA LYS C 168 1.37 10.03 -20.20
C LYS C 168 2.54 9.38 -19.47
N ALA C 169 2.26 8.59 -18.43
CA ALA C 169 3.33 7.94 -17.67
C ALA C 169 4.20 7.07 -18.58
N PHE C 170 3.58 6.31 -19.49
CA PHE C 170 4.34 5.54 -20.47
C PHE C 170 5.12 6.47 -21.41
N ALA C 171 4.41 7.42 -22.02
CA ALA C 171 5.03 8.34 -22.98
C ALA C 171 6.23 9.06 -22.37
N ASP C 172 6.07 9.59 -21.15
CA ASP C 172 7.14 10.37 -20.51
C ASP C 172 8.37 9.53 -20.21
N ALA C 173 8.22 8.23 -20.06
CA ALA C 173 9.33 7.35 -19.73
C ALA C 173 9.93 6.68 -20.95
N LEU C 174 9.16 6.50 -21.99
CA LEU C 174 9.64 5.73 -23.12
C LEU C 174 10.61 6.56 -23.97
N PRO C 175 11.77 5.99 -24.38
CA PRO C 175 12.63 6.71 -25.32
C PRO C 175 12.11 6.65 -26.74
N SER C 176 11.43 5.55 -27.10
CA SER C 176 10.92 5.30 -28.45
C SER C 176 9.63 4.51 -28.28
N TRP C 177 8.76 4.61 -29.28
CA TRP C 177 7.53 3.83 -29.33
C TRP C 177 7.62 2.66 -30.30
N GLU C 178 8.78 2.44 -30.92
CA GLU C 178 9.00 1.20 -31.66
C GLU C 178 9.03 0.03 -30.68
N ASN C 179 8.38 -1.07 -31.07
CA ASN C 179 8.25 -2.24 -30.21
C ASN C 179 7.49 -1.90 -28.93
N VAL C 180 6.43 -1.12 -29.08
CA VAL C 180 5.45 -0.90 -28.04
C VAL C 180 4.07 -1.17 -28.63
N VAL C 181 3.27 -1.92 -27.89
CA VAL C 181 1.87 -2.13 -28.21
C VAL C 181 1.09 -1.66 -26.99
N ILE C 182 -0.04 -0.98 -27.23
CA ILE C 182 -0.92 -0.54 -26.15
C ILE C 182 -2.07 -1.54 -26.05
N ALA C 183 -2.39 -1.95 -24.82
CA ALA C 183 -3.55 -2.79 -24.58
C ALA C 183 -4.53 -2.05 -23.68
N TYR C 184 -5.74 -1.78 -24.19
CA TYR C 184 -6.78 -1.12 -23.42
C TYR C 184 -7.59 -2.16 -22.66
N GLU C 185 -7.52 -2.11 -21.34
CA GLU C 185 -8.30 -3.02 -20.49
C GLU C 185 -9.50 -2.30 -19.91
N PRO C 186 -10.71 -2.63 -20.32
CA PRO C 186 -11.89 -1.98 -19.68
C PRO C 186 -12.14 -2.60 -18.32
N VAL C 187 -11.35 -2.19 -17.32
CA VAL C 187 -11.44 -2.81 -16.00
C VAL C 187 -12.84 -2.63 -15.43
N TRP C 188 -13.46 -1.46 -15.69
CA TRP C 188 -14.82 -1.20 -15.25
C TRP C 188 -15.78 -2.33 -15.65
N ALA C 189 -15.41 -3.16 -16.62
CA ALA C 189 -16.26 -4.24 -17.10
C ALA C 189 -15.62 -5.61 -16.88
N ILE C 190 -14.67 -5.71 -15.97
CA ILE C 190 -13.96 -6.95 -15.73
C ILE C 190 -14.20 -7.41 -14.30
N LYS C 194 -20.85 -5.33 -15.71
CA LYS C 194 -20.88 -4.60 -16.96
C LYS C 194 -20.12 -5.32 -18.09
N VAL C 195 -20.71 -5.42 -19.27
CA VAL C 195 -20.05 -5.92 -20.45
C VAL C 195 -19.85 -4.75 -21.40
N ALA C 196 -18.64 -4.62 -21.96
CA ALA C 196 -18.33 -3.50 -22.83
C ALA C 196 -18.69 -3.84 -24.26
N THR C 197 -19.33 -2.89 -24.93
CA THR C 197 -19.74 -3.09 -26.31
C THR C 197 -18.62 -2.74 -27.28
N PRO C 198 -18.68 -3.26 -28.51
CA PRO C 198 -17.68 -2.89 -29.51
C PRO C 198 -17.61 -1.41 -29.78
N GLU C 199 -18.73 -0.69 -29.71
CA GLU C 199 -18.67 0.77 -29.90
C GLU C 199 -18.00 1.43 -28.71
N GLN C 200 -18.25 0.94 -27.50
CA GLN C 200 -17.57 1.49 -26.33
C GLN C 200 -16.08 1.24 -26.40
N ALA C 201 -15.67 0.08 -26.92
CA ALA C 201 -14.25 -0.19 -27.10
C ALA C 201 -13.66 0.71 -28.18
N GLN C 202 -14.33 0.80 -29.34
CA GLN C 202 -13.80 1.62 -30.42
C GLN C 202 -13.69 3.07 -30.00
N GLU C 203 -14.63 3.54 -29.17
CA GLU C 203 -14.55 4.90 -28.68
C GLU C 203 -13.21 5.16 -28.01
N VAL C 204 -12.84 4.29 -27.05
CA VAL C 204 -11.59 4.52 -26.32
C VAL C 204 -10.39 4.33 -27.24
N HIS C 205 -10.39 3.27 -28.07
CA HIS C 205 -9.26 3.05 -28.96
C HIS C 205 -9.01 4.26 -29.85
N ALA C 206 -10.08 4.84 -30.41
CA ALA C 206 -9.90 6.06 -31.21
C ALA C 206 -9.38 7.20 -30.35
N ALA C 207 -9.92 7.35 -29.14
CA ALA C 207 -9.42 8.37 -28.23
C ALA C 207 -7.96 8.13 -27.90
N ILE C 208 -7.55 6.86 -27.78
CA ILE C 208 -6.15 6.58 -27.48
C ILE C 208 -5.27 6.96 -28.67
N ARG C 209 -5.67 6.57 -29.88
CA ARG C 209 -4.87 6.91 -31.05
C ARG C 209 -4.78 8.42 -31.24
N ASP C 210 -5.88 9.15 -31.04
CA ASP C 210 -5.84 10.60 -31.18
C ASP C 210 -4.88 11.22 -30.15
N TRP C 211 -4.95 10.75 -28.89
CA TRP C 211 -3.97 11.20 -27.91
C TRP C 211 -2.56 10.95 -28.40
N LEU C 212 -2.32 9.79 -29.02
CA LEU C 212 -1.00 9.54 -29.60
C LEU C 212 -0.68 10.58 -30.66
N ASN C 213 -1.64 10.89 -31.53
CA ASN C 213 -1.40 11.86 -32.59
C ASN C 213 -1.05 13.22 -32.02
N LYS C 214 -1.84 13.69 -31.04
CA LYS C 214 -1.71 15.04 -30.51
C LYS C 214 -0.54 15.19 -29.54
N ASN C 215 -0.13 14.12 -28.85
CA ASN C 215 0.83 14.28 -27.77
C ASN C 215 2.17 13.58 -27.99
N VAL C 216 2.28 12.70 -28.97
CA VAL C 216 3.56 12.08 -29.31
C VAL C 216 3.91 12.47 -30.74
N SER C 217 3.28 11.81 -31.70
CA SER C 217 3.46 12.18 -33.10
C SER C 217 2.41 11.48 -33.94
N SER C 218 2.23 11.98 -35.16
CA SER C 218 1.32 11.31 -36.09
C SER C 218 1.82 9.93 -36.46
N GLU C 219 3.13 9.75 -36.55
CA GLU C 219 3.67 8.45 -36.95
C GLU C 219 3.41 7.40 -35.86
N VAL C 220 3.79 7.71 -34.62
CA VAL C 220 3.52 6.79 -33.52
C VAL C 220 2.06 6.38 -33.52
N ALA C 221 1.16 7.35 -33.68
CA ALA C 221 -0.27 7.02 -33.73
C ALA C 221 -0.58 6.10 -34.91
N SER C 222 0.17 6.23 -36.01
CA SER C 222 -0.13 5.47 -37.22
C SER C 222 0.28 4.00 -37.09
N GLU C 223 1.47 3.75 -36.55
CA GLU C 223 2.00 2.39 -36.57
C GLU C 223 1.86 1.65 -35.24
N THR C 224 1.44 2.31 -34.17
CA THR C 224 1.29 1.61 -32.90
C THR C 224 0.02 0.76 -32.90
N ARG C 225 0.17 -0.51 -32.54
CA ARG C 225 -1.00 -1.38 -32.41
C ARG C 225 -1.71 -1.08 -31.11
N ILE C 226 -3.04 -0.91 -31.18
CA ILE C 226 -3.86 -0.73 -29.98
C ILE C 226 -4.80 -1.92 -29.92
N ILE C 227 -4.57 -2.80 -28.94
CA ILE C 227 -5.27 -4.07 -28.82
C ILE C 227 -6.25 -4.04 -27.66
N TYR C 228 -7.36 -4.73 -27.81
CA TYR C 228 -8.42 -4.72 -26.83
C TYR C 228 -8.16 -5.81 -25.78
N GLY C 229 -8.16 -5.42 -24.52
CA GLY C 229 -7.87 -6.36 -23.44
C GLY C 229 -9.04 -6.67 -22.54
N GLY C 230 -10.27 -6.45 -23.01
CA GLY C 230 -11.44 -6.88 -22.28
C GLY C 230 -11.62 -8.38 -22.40
N SER C 231 -12.63 -8.89 -21.71
CA SER C 231 -12.89 -10.32 -21.80
C SER C 231 -13.17 -10.67 -23.26
N VAL C 232 -12.28 -11.45 -23.88
CA VAL C 232 -12.44 -11.84 -25.28
C VAL C 232 -12.42 -13.36 -25.35
N ASN C 233 -13.31 -13.92 -26.17
CA ASN C 233 -13.37 -15.35 -26.39
C ASN C 233 -13.67 -15.61 -27.86
N GLY C 234 -13.70 -16.89 -28.24
CA GLY C 234 -13.98 -17.29 -29.61
C GLY C 234 -15.08 -16.51 -30.30
N SER C 235 -16.24 -16.40 -29.65
CA SER C 235 -17.26 -15.48 -30.10
C SER C 235 -17.00 -14.09 -29.52
N ASN C 236 -17.68 -13.08 -30.06
CA ASN C 236 -17.50 -11.69 -29.67
C ASN C 236 -16.33 -11.06 -30.40
N CYS C 237 -15.19 -11.75 -30.48
CA CYS C 237 -14.01 -11.12 -31.06
C CYS C 237 -14.29 -10.58 -32.45
N SER C 238 -15.13 -11.27 -33.23
CA SER C 238 -15.35 -10.85 -34.61
C SER C 238 -15.95 -9.45 -34.68
N GLU C 239 -16.96 -9.19 -33.84
CA GLU C 239 -17.53 -7.84 -33.80
C GLU C 239 -16.48 -6.82 -33.35
N LEU C 240 -15.64 -7.20 -32.38
CA LEU C 240 -14.62 -6.27 -31.93
C LEU C 240 -13.53 -6.09 -32.97
N ALA C 241 -13.11 -7.19 -33.60
CA ALA C 241 -11.99 -7.15 -34.53
C ALA C 241 -12.23 -6.20 -35.70
N LYS C 242 -13.49 -6.00 -36.08
CA LYS C 242 -13.75 -5.19 -37.26
C LYS C 242 -13.65 -3.69 -36.99
N LYS C 243 -13.69 -3.26 -35.72
CA LYS C 243 -13.71 -1.83 -35.41
C LYS C 243 -12.41 -1.17 -35.87
N GLU C 244 -12.53 0.12 -36.23
CA GLU C 244 -11.47 0.78 -37.00
C GLU C 244 -10.16 0.82 -36.24
N ASP C 245 -10.20 1.05 -34.93
CA ASP C 245 -8.96 1.28 -34.19
C ASP C 245 -8.60 0.13 -33.26
N ILE C 246 -9.22 -1.02 -33.44
CA ILE C 246 -8.90 -2.21 -32.65
C ILE C 246 -8.02 -3.11 -33.51
N ASP C 247 -6.74 -3.19 -33.15
CA ASP C 247 -5.73 -3.85 -33.96
C ASP C 247 -5.47 -5.29 -33.55
N GLY C 248 -6.28 -5.83 -32.66
CA GLY C 248 -6.08 -7.17 -32.14
C GLY C 248 -6.52 -7.22 -30.69
N PHE C 249 -5.96 -8.19 -29.95
CA PHE C 249 -6.44 -8.47 -28.60
C PHE C 249 -5.28 -8.85 -27.71
N LEU C 250 -5.43 -8.54 -26.43
CA LEU C 250 -4.66 -9.17 -25.37
C LEU C 250 -5.62 -10.10 -24.66
N VAL C 251 -5.45 -11.40 -24.88
CA VAL C 251 -6.43 -12.40 -24.49
C VAL C 251 -6.05 -12.95 -23.12
N GLY C 252 -7.03 -13.03 -22.21
CA GLY C 252 -6.83 -13.67 -20.92
C GLY C 252 -7.12 -15.15 -20.95
N GLY C 253 -8.22 -15.56 -20.29
CA GLY C 253 -8.46 -16.98 -20.05
C GLY C 253 -8.57 -17.81 -21.31
N ALA C 254 -9.09 -17.25 -22.40
CA ALA C 254 -9.21 -18.03 -23.63
C ALA C 254 -7.85 -18.40 -24.21
N SER C 255 -6.78 -17.73 -23.78
CA SER C 255 -5.46 -18.08 -24.30
C SER C 255 -4.97 -19.41 -23.75
N LEU C 256 -5.59 -19.94 -22.69
CA LEU C 256 -5.25 -21.25 -22.16
C LEU C 256 -5.90 -22.39 -22.95
N LYS C 257 -6.73 -22.07 -23.93
CA LYS C 257 -7.46 -23.04 -24.71
C LYS C 257 -7.00 -22.89 -26.17
N GLY C 258 -6.08 -23.75 -26.59
CA GLY C 258 -5.46 -23.61 -27.89
C GLY C 258 -6.42 -23.32 -29.03
N PRO C 259 -7.43 -24.17 -29.22
CA PRO C 259 -8.32 -23.94 -30.36
C PRO C 259 -9.10 -22.64 -30.26
N ASP C 260 -9.56 -22.26 -29.07
CA ASP C 260 -10.23 -20.98 -28.93
C ASP C 260 -9.28 -19.81 -29.21
N PHE C 261 -8.05 -19.85 -28.69
CA PHE C 261 -7.08 -18.81 -29.00
C PHE C 261 -6.85 -18.70 -30.50
N ALA C 262 -6.75 -19.85 -31.18
CA ALA C 262 -6.56 -19.81 -32.63
C ALA C 262 -7.73 -19.14 -33.32
N SER C 263 -8.96 -19.45 -32.88
CA SER C 263 -10.13 -18.78 -33.45
C SER C 263 -10.04 -17.27 -33.29
N ILE C 264 -9.54 -16.81 -32.14
CA ILE C 264 -9.41 -15.36 -31.92
C ILE C 264 -8.35 -14.79 -32.85
N VAL C 265 -7.19 -15.44 -32.92
CA VAL C 265 -6.15 -15.01 -33.84
C VAL C 265 -6.72 -14.84 -35.24
N ASN C 266 -7.47 -15.84 -35.71
CA ASN C 266 -7.92 -15.81 -37.10
C ASN C 266 -9.05 -14.81 -37.32
N SER C 267 -9.79 -14.43 -36.27
CA SER C 267 -10.82 -13.40 -36.42
C SER C 267 -10.21 -12.09 -36.88
N VAL C 268 -8.93 -11.88 -36.59
CA VAL C 268 -8.26 -10.64 -36.93
C VAL C 268 -7.63 -10.67 -38.32
N ALA C 269 -7.40 -11.86 -38.88
CA ALA C 269 -6.70 -12.02 -40.15
C ALA C 269 -7.36 -11.26 -41.31
N LYS D 25 20.89 -31.28 12.30
CA LYS D 25 21.20 -31.18 10.89
C LYS D 25 21.14 -29.73 10.42
N CYS D 26 22.31 -29.15 10.14
CA CYS D 26 22.40 -27.74 9.76
C CYS D 26 21.84 -27.51 8.36
N PHE D 27 21.65 -26.24 8.02
CA PHE D 27 20.99 -25.84 6.78
C PHE D 27 21.71 -24.64 6.18
N VAL D 28 22.13 -24.74 4.94
CA VAL D 28 22.76 -23.62 4.24
C VAL D 28 22.07 -23.44 2.91
N GLY D 29 21.43 -22.28 2.72
CA GLY D 29 20.80 -21.93 1.46
C GLY D 29 21.53 -20.76 0.81
N GLY D 30 21.61 -20.81 -0.52
CA GLY D 30 22.21 -19.72 -1.27
C GLY D 30 21.14 -18.95 -2.04
N ASN D 31 20.90 -17.69 -1.65
CA ASN D 31 19.87 -16.88 -2.29
C ASN D 31 20.52 -16.09 -3.42
N TRP D 32 20.29 -16.51 -4.67
CA TRP D 32 20.97 -15.82 -5.77
C TRP D 32 20.38 -14.43 -6.06
N LYS D 33 19.21 -14.12 -5.51
CA LYS D 33 18.53 -12.83 -5.73
C LYS D 33 18.30 -12.64 -7.23
N CYS D 34 18.20 -11.38 -7.68
CA CYS D 34 17.92 -11.05 -9.08
C CYS D 34 19.22 -10.95 -9.86
N ASN D 35 19.89 -12.10 -10.01
CA ASN D 35 21.20 -12.13 -10.63
C ASN D 35 21.35 -13.40 -11.45
N GLY D 36 22.09 -13.30 -12.55
CA GLY D 36 22.41 -14.47 -13.35
C GLY D 36 21.88 -14.42 -14.77
N THR D 37 22.61 -15.05 -15.69
CA THR D 37 22.18 -15.33 -17.04
C THR D 37 22.45 -16.80 -17.32
N LYS D 38 21.99 -17.31 -18.48
CA LYS D 38 22.30 -18.71 -18.81
C LYS D 38 23.79 -18.98 -18.68
N GLU D 39 24.60 -18.08 -19.24
CA GLU D 39 26.05 -18.25 -19.25
C GLU D 39 26.65 -18.16 -17.85
N SER D 40 26.27 -17.15 -17.06
CA SER D 40 26.86 -17.02 -15.74
C SER D 40 26.44 -18.17 -14.85
N ILE D 41 25.23 -18.69 -15.07
CA ILE D 41 24.74 -19.78 -14.25
C ILE D 41 25.40 -21.10 -14.65
N VAL D 42 25.76 -21.27 -15.92
CA VAL D 42 26.59 -22.42 -16.30
C VAL D 42 27.89 -22.44 -15.50
N ARG D 43 28.54 -21.28 -15.40
CA ARG D 43 29.80 -21.19 -14.66
C ARG D 43 29.60 -21.51 -13.19
N LEU D 44 28.54 -20.96 -12.58
CA LEU D 44 28.27 -21.21 -11.16
C LEU D 44 27.93 -22.67 -10.90
N ILE D 45 27.05 -23.24 -11.73
CA ILE D 45 26.75 -24.67 -11.62
C ILE D 45 28.02 -25.50 -11.74
N SER D 46 28.88 -25.18 -12.71
CA SER D 46 30.12 -25.94 -12.87
C SER D 46 30.96 -25.93 -11.58
N ASP D 47 31.15 -24.75 -10.98
CA ASP D 47 31.94 -24.65 -9.76
C ASP D 47 31.26 -25.35 -8.59
N LEU D 48 29.93 -25.26 -8.51
CA LEU D 48 29.22 -25.96 -7.44
C LEU D 48 29.37 -27.46 -7.59
N ASN D 49 29.33 -27.95 -8.83
CA ASN D 49 29.42 -29.38 -9.12
C ASN D 49 30.80 -29.92 -8.78
N SER D 50 31.84 -29.12 -8.95
CA SER D 50 33.19 -29.56 -8.66
C SER D 50 33.59 -29.37 -7.20
N SER D 51 32.76 -28.72 -6.39
CA SER D 51 33.10 -28.50 -4.98
C SER D 51 32.91 -29.79 -4.17
N LYS D 52 33.81 -30.02 -3.23
CA LYS D 52 33.63 -31.11 -2.27
C LYS D 52 32.88 -30.56 -1.06
N LEU D 53 31.66 -31.06 -0.84
CA LEU D 53 30.78 -30.58 0.22
C LEU D 53 30.66 -31.62 1.32
N GLU D 54 30.65 -31.15 2.56
CA GLU D 54 30.43 -32.06 3.67
C GLU D 54 29.06 -32.72 3.55
N PRO D 55 28.97 -34.02 3.81
CA PRO D 55 27.71 -34.74 3.54
C PRO D 55 26.61 -34.47 4.56
N ASP D 56 26.94 -34.10 5.79
CA ASP D 56 25.91 -33.97 6.82
C ASP D 56 25.37 -32.54 6.92
N VAL D 57 25.07 -31.94 5.78
CA VAL D 57 24.50 -30.59 5.74
C VAL D 57 23.39 -30.57 4.69
N ASP D 58 22.28 -29.89 5.00
CA ASP D 58 21.25 -29.61 4.00
C ASP D 58 21.67 -28.40 3.20
N VAL D 59 21.74 -28.53 1.87
CA VAL D 59 22.24 -27.47 0.99
C VAL D 59 21.19 -27.13 -0.06
N VAL D 60 20.91 -25.84 -0.22
CA VAL D 60 19.82 -25.36 -1.04
C VAL D 60 20.29 -24.11 -1.80
N VAL D 61 19.88 -23.99 -3.08
CA VAL D 61 20.14 -22.78 -3.85
C VAL D 61 18.81 -22.32 -4.42
N ALA D 62 18.66 -21.00 -4.53
CA ALA D 62 17.42 -20.33 -4.96
C ALA D 62 17.70 -19.51 -6.20
N PRO D 63 17.59 -20.10 -7.40
CA PRO D 63 17.82 -19.34 -8.62
C PRO D 63 16.63 -18.45 -8.95
N PRO D 64 16.80 -17.45 -9.81
CA PRO D 64 15.62 -16.72 -10.32
C PRO D 64 14.71 -17.69 -11.04
N PHE D 65 13.40 -17.39 -11.05
CA PHE D 65 12.41 -18.30 -11.65
C PHE D 65 12.83 -18.84 -13.01
N LEU D 66 13.32 -17.97 -13.91
CA LEU D 66 13.57 -18.36 -15.30
C LEU D 66 14.52 -19.55 -15.41
N TYR D 67 15.47 -19.65 -14.49
CA TYR D 67 16.62 -20.53 -14.63
C TYR D 67 16.51 -21.78 -13.79
N ILE D 68 15.40 -21.95 -13.06
CA ILE D 68 15.29 -23.07 -12.14
C ILE D 68 15.34 -24.39 -12.88
N GLU D 69 14.69 -24.45 -14.05
CA GLU D 69 14.68 -25.68 -14.83
C GLU D 69 16.11 -26.05 -15.29
N GLN D 70 16.88 -25.05 -15.73
CA GLN D 70 18.27 -25.30 -16.12
C GLN D 70 19.09 -25.80 -14.94
N VAL D 71 18.93 -25.18 -13.78
CA VAL D 71 19.69 -25.58 -12.60
C VAL D 71 19.29 -26.99 -12.18
N LYS D 72 17.98 -27.25 -12.10
CA LYS D 72 17.53 -28.59 -11.73
C LYS D 72 18.10 -29.65 -12.65
N SER D 73 18.25 -29.32 -13.93
CA SER D 73 18.72 -30.30 -14.92
C SER D 73 20.21 -30.63 -14.75
N THR D 74 21.04 -29.65 -14.37
CA THR D 74 22.50 -29.81 -14.49
C THR D 74 23.27 -29.64 -13.19
N LEU D 75 22.64 -29.15 -12.13
CA LEU D 75 23.30 -29.09 -10.84
C LEU D 75 23.14 -30.42 -10.12
N THR D 76 24.22 -30.86 -9.46
CA THR D 76 24.18 -32.09 -8.69
C THR D 76 22.95 -32.20 -7.81
N ASP D 77 22.37 -33.42 -7.80
CA ASP D 77 21.24 -33.79 -6.95
C ASP D 77 21.56 -33.62 -5.46
N ARG D 78 22.83 -33.49 -5.10
CA ARG D 78 23.21 -33.24 -3.71
C ARG D 78 22.57 -31.97 -3.15
N ILE D 79 22.26 -31.01 -4.02
CA ILE D 79 21.76 -29.69 -3.63
C ILE D 79 20.29 -29.59 -4.04
N GLU D 80 19.44 -29.15 -3.12
CA GLU D 80 18.02 -28.97 -3.42
C GLU D 80 17.75 -27.54 -3.93
N ILE D 81 16.60 -27.38 -4.60
CA ILE D 81 16.26 -26.13 -5.29
C ILE D 81 15.14 -25.42 -4.54
N ALA D 82 15.32 -24.11 -4.35
CA ALA D 82 14.32 -23.23 -3.77
C ALA D 82 13.92 -22.16 -4.78
N ALA D 83 12.75 -21.61 -4.59
CA ALA D 83 12.38 -20.38 -5.28
C ALA D 83 12.44 -19.22 -4.29
N GLN D 84 12.46 -18.00 -4.83
CA GLN D 84 12.66 -16.80 -4.03
C GLN D 84 11.35 -16.14 -3.59
N ASN D 85 10.21 -16.61 -4.07
CA ASN D 85 8.92 -15.97 -3.78
C ASN D 85 7.83 -16.83 -4.40
N CYS D 86 6.59 -16.64 -3.91
CA CYS D 86 5.41 -17.20 -4.55
C CYS D 86 4.22 -16.32 -4.16
N TRP D 87 3.06 -16.65 -4.71
CA TRP D 87 1.83 -15.88 -4.53
C TRP D 87 1.14 -16.31 -3.23
N ILE D 88 0.17 -15.49 -2.78
CA ILE D 88 -0.49 -15.78 -1.51
C ILE D 88 -1.44 -16.96 -1.60
N GLY D 89 -1.85 -17.35 -2.79
CA GLY D 89 -2.82 -18.42 -2.93
C GLY D 89 -2.64 -19.19 -4.22
N LYS D 90 -3.64 -19.99 -4.59
CA LYS D 90 -3.48 -20.77 -5.81
C LYS D 90 -3.43 -19.85 -7.01
N GLY D 91 -3.02 -20.41 -8.14
CA GLY D 91 -2.92 -19.64 -9.37
C GLY D 91 -4.27 -19.15 -9.85
N GLY D 92 -4.21 -18.36 -10.91
CA GLY D 92 -5.38 -17.70 -11.45
C GLY D 92 -4.98 -16.35 -12.04
N ALA D 93 -5.87 -15.37 -11.86
CA ALA D 93 -5.75 -14.09 -12.55
C ALA D 93 -4.80 -13.17 -11.79
N PHE D 94 -3.52 -13.57 -11.76
CA PHE D 94 -2.50 -12.84 -11.03
C PHE D 94 -1.26 -12.70 -11.92
N THR D 95 -1.42 -11.87 -12.96
CA THR D 95 -0.39 -11.69 -13.96
C THR D 95 0.96 -11.36 -13.32
N GLY D 96 1.99 -12.08 -13.73
CA GLY D 96 3.31 -11.85 -13.19
C GLY D 96 3.71 -12.72 -12.01
N GLU D 97 2.76 -13.41 -11.38
CA GLU D 97 3.07 -14.16 -10.17
C GLU D 97 3.27 -15.64 -10.45
N ILE D 98 3.89 -16.32 -9.50
CA ILE D 98 4.15 -17.76 -9.56
C ILE D 98 3.50 -18.42 -8.35
N SER D 99 2.68 -19.44 -8.58
CA SER D 99 2.00 -20.10 -7.47
C SER D 99 2.89 -21.19 -6.84
N ALA D 100 2.59 -21.50 -5.57
CA ALA D 100 3.32 -22.57 -4.90
C ALA D 100 3.12 -23.91 -5.59
N GLU D 101 1.94 -24.18 -6.16
CA GLU D 101 1.79 -25.45 -6.87
C GLU D 101 2.66 -25.53 -8.11
N GLN D 102 2.96 -24.38 -8.73
CA GLN D 102 3.90 -24.39 -9.85
C GLN D 102 5.31 -24.64 -9.35
N LEU D 103 5.67 -24.06 -8.21
CA LEU D 103 6.96 -24.37 -7.59
C LEU D 103 7.10 -25.87 -7.36
N LYS D 104 6.05 -26.52 -6.84
CA LYS D 104 6.09 -27.96 -6.66
C LYS D 104 6.23 -28.66 -8.01
N ASP D 105 5.45 -28.23 -8.99
CA ASP D 105 5.51 -28.78 -10.34
C ASP D 105 6.94 -28.78 -10.87
N ILE D 106 7.64 -27.64 -10.73
CA ILE D 106 8.91 -27.45 -11.40
C ILE D 106 10.05 -28.16 -10.66
N GLY D 107 9.82 -28.55 -9.41
CA GLY D 107 10.80 -29.29 -8.65
C GLY D 107 11.45 -28.55 -7.50
N CYS D 108 10.84 -27.46 -7.01
CA CYS D 108 11.38 -26.76 -5.86
C CYS D 108 10.95 -27.50 -4.60
N LYS D 109 11.89 -27.63 -3.66
CA LYS D 109 11.60 -28.17 -2.34
C LYS D 109 11.41 -27.08 -1.30
N TRP D 110 11.81 -25.83 -1.61
CA TRP D 110 11.78 -24.72 -0.66
C TRP D 110 11.32 -23.47 -1.40
N VAL D 111 10.82 -22.50 -0.65
CA VAL D 111 10.62 -21.15 -1.16
C VAL D 111 10.91 -20.16 -0.04
N ILE D 112 11.60 -19.08 -0.39
CA ILE D 112 11.95 -18.03 0.54
C ILE D 112 10.74 -17.10 0.67
N LEU D 113 10.30 -16.86 1.90
CA LEU D 113 9.11 -16.06 2.15
C LEU D 113 9.43 -14.98 3.17
N GLY D 114 8.95 -13.77 2.92
CA GLY D 114 9.16 -12.69 3.84
C GLY D 114 10.56 -12.14 3.85
N HIS D 115 11.30 -12.30 2.75
CA HIS D 115 12.66 -11.79 2.69
C HIS D 115 12.66 -10.29 2.91
N SER D 116 13.72 -9.80 3.56
CA SER D 116 13.81 -8.39 3.91
C SER D 116 13.57 -7.47 2.71
N GLU D 117 14.10 -7.85 1.53
CA GLU D 117 13.91 -6.98 0.37
C GLU D 117 12.47 -6.97 -0.11
N ARG D 118 11.71 -8.06 0.13
CA ARG D 118 10.29 -8.06 -0.24
C ARG D 118 9.44 -7.38 0.83
N ARG D 119 9.89 -7.38 2.09
CA ARG D 119 9.23 -6.59 3.12
C ARG D 119 9.47 -5.10 2.91
N HIS D 120 10.74 -4.70 2.74
CA HIS D 120 11.15 -3.31 2.93
C HIS D 120 11.41 -2.53 1.64
N VAL D 121 11.53 -3.21 0.50
CA VAL D 121 11.57 -2.50 -0.77
C VAL D 121 10.25 -2.64 -1.53
N MET D 122 9.43 -3.64 -1.16
CA MET D 122 8.22 -3.98 -1.90
C MET D 122 6.96 -4.07 -1.03
N GLY D 123 7.07 -3.79 0.27
CA GLY D 123 5.89 -3.57 1.09
C GLY D 123 5.08 -4.79 1.51
N GLU D 124 5.62 -6.00 1.40
CA GLU D 124 4.89 -7.15 1.91
C GLU D 124 4.77 -7.05 3.42
N ASN D 125 3.60 -7.39 3.95
CA ASN D 125 3.30 -7.26 5.36
C ASN D 125 3.09 -8.64 6.00
N ASN D 126 3.18 -8.66 7.33
CA ASN D 126 3.13 -9.93 8.05
C ASN D 126 1.93 -10.77 7.65
N GLU D 127 0.77 -10.15 7.47
CA GLU D 127 -0.42 -10.92 7.11
C GLU D 127 -0.30 -11.46 5.69
N PHE D 128 0.27 -10.66 4.80
CA PHE D 128 0.49 -11.07 3.41
C PHE D 128 1.43 -12.26 3.32
N ILE D 129 2.61 -12.12 3.94
CA ILE D 129 3.59 -13.20 4.02
C ILE D 129 2.99 -14.42 4.70
N GLY D 130 2.23 -14.21 5.77
CA GLY D 130 1.58 -15.32 6.44
C GLY D 130 0.72 -16.16 5.51
N LYS D 131 -0.05 -15.52 4.63
CA LYS D 131 -0.86 -16.30 3.70
C LYS D 131 0.02 -17.14 2.78
N LYS D 132 1.14 -16.58 2.33
CA LYS D 132 2.06 -17.33 1.47
C LYS D 132 2.50 -18.62 2.16
N ALA D 133 3.00 -18.52 3.39
CA ALA D 133 3.49 -19.70 4.12
C ALA D 133 2.38 -20.73 4.27
N ALA D 134 1.20 -20.30 4.74
CA ALA D 134 0.10 -21.25 4.89
C ALA D 134 -0.12 -21.99 3.58
N TYR D 135 -0.20 -21.25 2.47
CA TYR D 135 -0.50 -21.90 1.20
C TYR D 135 0.68 -22.74 0.73
N ALA D 136 1.90 -22.20 0.79
CA ALA D 136 3.08 -22.96 0.41
C ALA D 136 3.16 -24.25 1.19
N SER D 137 3.01 -24.17 2.51
CA SER D 137 3.03 -25.37 3.33
C SER D 137 1.96 -26.35 2.86
N SER D 138 0.76 -25.83 2.55
CA SER D 138 -0.33 -26.70 2.13
C SER D 138 -0.02 -27.41 0.82
N GLN D 139 0.86 -26.86 -0.01
CA GLN D 139 1.23 -27.46 -1.29
C GLN D 139 2.40 -28.42 -1.17
N GLY D 140 2.92 -28.62 0.03
CA GLY D 140 4.08 -29.46 0.22
C GLY D 140 5.41 -28.81 -0.11
N VAL D 141 5.48 -27.48 -0.11
CA VAL D 141 6.75 -26.76 -0.33
C VAL D 141 7.31 -26.35 1.02
N GLY D 142 8.59 -26.62 1.25
CA GLY D 142 9.24 -26.13 2.44
C GLY D 142 9.37 -24.62 2.43
N ILE D 143 9.29 -24.03 3.62
CA ILE D 143 9.37 -22.57 3.76
C ILE D 143 10.68 -22.20 4.43
N ILE D 144 11.37 -21.22 3.86
CA ILE D 144 12.44 -20.49 4.54
C ILE D 144 11.80 -19.20 5.01
N ALA D 145 11.35 -19.18 6.27
CA ALA D 145 10.58 -18.06 6.82
C ALA D 145 11.54 -17.02 7.36
N CYS D 146 11.66 -15.88 6.67
CA CYS D 146 12.61 -14.84 7.02
C CYS D 146 11.96 -13.81 7.94
N ILE D 147 12.70 -13.38 8.96
CA ILE D 147 12.29 -12.34 9.89
C ILE D 147 13.49 -11.45 10.19
N GLY D 148 13.24 -10.35 10.88
CA GLY D 148 14.32 -9.43 11.22
C GLY D 148 13.83 -8.00 11.35
N GLU D 149 14.66 -7.18 12.01
CA GLU D 149 14.31 -5.81 12.36
C GLU D 149 15.24 -4.82 11.66
N LEU D 150 14.71 -3.62 11.43
CA LEU D 150 15.42 -2.50 10.84
C LEU D 150 16.29 -1.77 11.86
N LEU D 151 17.19 -0.93 11.36
CA LEU D 151 18.02 -0.13 12.24
C LEU D 151 17.17 0.73 13.17
N GLU D 152 16.31 1.56 12.58
CA GLU D 152 15.41 2.37 13.40
C GLU D 152 14.68 1.53 14.45
N GLU D 153 14.37 0.27 14.13
CA GLU D 153 13.61 -0.56 15.05
C GLU D 153 14.49 -1.07 16.20
N ARG D 154 15.73 -1.43 15.92
CA ARG D 154 16.66 -1.83 16.98
C ARG D 154 17.22 -0.61 17.72
N GLU D 155 17.45 0.50 17.00
CA GLU D 155 17.80 1.77 17.64
C GLU D 155 16.90 2.03 18.85
N ALA D 156 15.62 1.67 18.72
CA ALA D 156 14.72 1.65 19.86
C ALA D 156 15.01 0.41 20.71
N ARG D 157 13.99 -0.39 20.97
CA ARG D 157 14.15 -1.64 21.71
C ARG D 157 13.21 -2.70 21.17
N THR D 159 13.43 -4.91 18.45
CA THR D 159 14.05 -6.14 17.96
C THR D 159 13.20 -7.36 18.27
N PHE D 160 13.03 -7.64 19.57
CA PHE D 160 12.32 -8.84 19.99
C PHE D 160 10.82 -8.72 19.72
N ASP D 161 10.23 -7.57 20.00
CA ASP D 161 8.79 -7.41 19.72
C ASP D 161 8.52 -7.45 18.23
N VAL D 162 9.43 -6.95 17.41
CA VAL D 162 9.28 -7.04 15.95
C VAL D 162 9.41 -8.49 15.49
N CYS D 163 10.57 -9.10 15.73
CA CYS D 163 10.76 -10.50 15.37
C CYS D 163 9.63 -11.35 15.92
N PHE D 164 9.20 -11.07 17.15
CA PHE D 164 8.10 -11.84 17.74
C PHE D 164 6.81 -11.63 16.95
N GLN D 165 6.51 -10.37 16.61
CA GLN D 165 5.35 -10.08 15.78
C GLN D 165 5.43 -10.85 14.47
N GLN D 166 6.61 -10.85 13.84
CA GLN D 166 6.81 -11.58 12.59
C GLN D 166 6.69 -13.08 12.80
N LEU D 167 7.21 -13.60 13.92
CA LEU D 167 7.11 -15.03 14.20
C LEU D 167 5.66 -15.43 14.44
N LYS D 168 4.92 -14.63 15.24
CA LYS D 168 3.52 -14.94 15.49
C LYS D 168 2.72 -14.93 14.20
N ALA D 169 3.08 -14.04 13.26
CA ALA D 169 2.42 -14.07 11.95
C ALA D 169 2.59 -15.41 11.27
N PHE D 170 3.80 -15.99 11.30
CA PHE D 170 3.99 -17.31 10.71
C PHE D 170 3.26 -18.38 11.52
N ALA D 171 3.37 -18.33 12.86
CA ALA D 171 2.76 -19.36 13.67
C ALA D 171 1.25 -19.39 13.48
N ASP D 172 0.63 -18.21 13.34
CA ASP D 172 -0.83 -18.14 13.26
C ASP D 172 -1.37 -18.77 11.98
N ALA D 173 -0.59 -18.72 10.90
CA ALA D 173 -1.05 -19.24 9.62
C ALA D 173 -0.53 -20.63 9.30
N LEU D 174 0.59 -21.03 9.89
CA LEU D 174 1.23 -22.28 9.51
C LEU D 174 0.49 -23.46 10.11
N PRO D 175 -0.04 -24.38 9.30
CA PRO D 175 -0.76 -25.52 9.87
C PRO D 175 0.15 -26.44 10.68
N SER D 176 1.38 -26.64 10.21
CA SER D 176 2.40 -27.36 10.96
C SER D 176 3.73 -26.65 10.72
N TRP D 177 4.73 -27.04 11.50
CA TRP D 177 6.08 -26.53 11.33
C TRP D 177 7.00 -27.55 10.66
N GLU D 178 6.44 -28.58 10.05
CA GLU D 178 7.24 -29.54 9.28
C GLU D 178 7.74 -28.87 8.01
N ASN D 179 9.01 -29.10 7.70
CA ASN D 179 9.68 -28.43 6.59
C ASN D 179 9.44 -26.93 6.62
N VAL D 180 9.88 -26.35 7.73
CA VAL D 180 9.96 -24.90 7.90
C VAL D 180 11.31 -24.60 8.54
N VAL D 181 12.00 -23.60 7.99
CA VAL D 181 13.27 -23.12 8.52
C VAL D 181 13.15 -21.61 8.69
N ILE D 182 13.72 -21.07 9.75
CA ILE D 182 13.61 -19.64 10.05
C ILE D 182 14.96 -18.99 9.77
N ALA D 183 14.94 -17.91 9.00
CA ALA D 183 16.12 -17.12 8.72
C ALA D 183 15.98 -15.79 9.44
N TYR D 184 16.97 -15.43 10.25
CA TYR D 184 17.02 -14.12 10.90
C TYR D 184 17.94 -13.21 10.10
N GLU D 185 17.37 -12.13 9.55
CA GLU D 185 18.15 -11.13 8.82
C GLU D 185 18.35 -9.90 9.68
N PRO D 186 19.58 -9.53 10.03
CA PRO D 186 19.85 -8.23 10.68
C PRO D 186 19.95 -7.10 9.65
N VAL D 187 18.82 -6.75 9.06
CA VAL D 187 18.72 -5.66 8.10
C VAL D 187 19.53 -4.45 8.54
N TRP D 188 19.47 -4.14 9.83
CA TRP D 188 20.15 -2.98 10.40
C TRP D 188 21.65 -3.00 10.18
N VAL D 195 27.56 -4.02 10.66
CA VAL D 195 28.58 -5.05 10.81
C VAL D 195 28.40 -5.79 12.13
N ALA D 196 27.36 -6.64 12.20
CA ALA D 196 27.01 -7.33 13.42
C ALA D 196 28.11 -8.30 13.85
N THR D 197 27.95 -8.86 15.04
CA THR D 197 28.91 -9.82 15.60
C THR D 197 28.20 -11.09 16.00
N PRO D 198 28.95 -12.18 16.17
CA PRO D 198 28.32 -13.49 16.42
C PRO D 198 27.41 -13.52 17.65
N GLU D 199 27.77 -12.82 18.73
CA GLU D 199 26.96 -12.87 19.94
C GLU D 199 25.59 -12.23 19.72
N GLN D 200 25.54 -11.09 19.04
CA GLN D 200 24.27 -10.46 18.71
C GLN D 200 23.34 -11.45 18.03
N ALA D 201 23.83 -12.14 17.00
CA ALA D 201 23.02 -13.12 16.31
C ALA D 201 22.52 -14.20 17.26
N GLN D 202 23.40 -14.70 18.13
CA GLN D 202 22.99 -15.76 19.04
C GLN D 202 21.87 -15.30 19.96
N GLU D 203 21.95 -14.07 20.48
CA GLU D 203 20.87 -13.54 21.30
C GLU D 203 19.51 -13.71 20.61
N VAL D 204 19.42 -13.24 19.37
CA VAL D 204 18.14 -13.30 18.65
C VAL D 204 17.71 -14.74 18.43
N HIS D 205 18.64 -15.59 17.97
CA HIS D 205 18.29 -16.98 17.74
C HIS D 205 17.75 -17.62 19.02
N ALA D 206 18.40 -17.37 20.17
CA ALA D 206 17.91 -17.92 21.44
C ALA D 206 16.46 -17.52 21.70
N ALA D 207 16.17 -16.22 21.59
CA ALA D 207 14.80 -15.75 21.80
C ALA D 207 13.82 -16.44 20.85
N ILE D 208 14.23 -16.60 19.59
CA ILE D 208 13.36 -17.23 18.60
C ILE D 208 13.02 -18.65 19.02
N ARG D 209 14.04 -19.44 19.38
CA ARG D 209 13.77 -20.80 19.85
C ARG D 209 12.97 -20.77 21.15
N ASP D 210 13.34 -19.86 22.06
CA ASP D 210 12.56 -19.70 23.29
C ASP D 210 11.12 -19.31 22.97
N TRP D 211 10.95 -18.30 22.09
CA TRP D 211 9.61 -17.91 21.67
C TRP D 211 8.85 -19.10 21.11
N LEU D 212 9.52 -19.97 20.36
CA LEU D 212 8.85 -21.15 19.82
C LEU D 212 8.45 -22.11 20.93
N ASN D 213 9.31 -22.27 21.94
CA ASN D 213 9.01 -23.19 23.03
C ASN D 213 7.68 -22.83 23.69
N LYS D 214 7.57 -21.60 24.19
CA LYS D 214 6.34 -21.17 24.85
C LYS D 214 5.16 -21.19 23.89
N ASN D 215 5.40 -20.80 22.64
CA ASN D 215 4.37 -20.73 21.61
C ASN D 215 4.53 -21.91 20.64
N SER D 217 5.39 -24.99 20.85
CA SER D 217 5.51 -26.43 21.04
C SER D 217 6.96 -26.80 21.37
N SER D 218 7.12 -27.80 22.24
CA SER D 218 8.46 -28.22 22.66
C SER D 218 9.29 -28.74 21.49
N GLU D 219 8.77 -29.72 20.75
CA GLU D 219 9.54 -30.29 19.64
C GLU D 219 9.79 -29.25 18.56
N VAL D 220 8.79 -28.43 18.22
CA VAL D 220 8.97 -27.38 17.22
C VAL D 220 10.20 -26.53 17.56
N ALA D 221 10.29 -26.07 18.81
CA ALA D 221 11.44 -25.27 19.21
C ALA D 221 12.75 -26.02 19.07
N SER D 222 12.73 -27.33 19.32
CA SER D 222 13.97 -28.11 19.28
C SER D 222 14.32 -28.50 17.86
N GLU D 223 13.33 -28.98 17.12
CA GLU D 223 13.58 -29.53 15.79
C GLU D 223 13.73 -28.44 14.74
N THR D 224 13.11 -27.28 14.96
CA THR D 224 13.14 -26.23 13.94
C THR D 224 14.50 -25.55 13.90
N ARG D 225 15.08 -25.46 12.71
CA ARG D 225 16.38 -24.86 12.54
C ARG D 225 16.25 -23.36 12.29
N ILE D 226 17.09 -22.58 12.95
CA ILE D 226 17.12 -21.13 12.81
C ILE D 226 18.48 -20.76 12.23
N ILE D 227 18.47 -20.25 10.99
CA ILE D 227 19.69 -19.97 10.25
C ILE D 227 19.92 -18.47 10.19
N TYR D 228 21.20 -18.09 10.10
CA TYR D 228 21.58 -16.69 10.13
C TYR D 228 21.63 -16.11 8.71
N GLY D 229 20.95 -14.99 8.53
CA GLY D 229 20.81 -14.39 7.21
C GLY D 229 21.50 -13.04 7.06
N GLY D 230 22.47 -12.78 7.95
CA GLY D 230 23.32 -11.62 7.82
C GLY D 230 24.41 -11.85 6.78
N SER D 231 25.26 -10.84 6.62
CA SER D 231 26.29 -10.88 5.58
C SER D 231 27.33 -11.94 5.92
N VAL D 232 27.25 -13.08 5.25
CA VAL D 232 28.12 -14.24 5.50
C VAL D 232 29.11 -14.38 4.35
N ASN D 233 30.34 -14.75 4.67
CA ASN D 233 31.38 -14.91 3.67
C ASN D 233 32.34 -15.99 4.15
N GLY D 234 33.26 -16.36 3.25
CA GLY D 234 34.26 -17.37 3.60
C GLY D 234 35.10 -16.97 4.80
N SER D 235 35.26 -15.67 5.03
CA SER D 235 36.11 -15.22 6.14
C SER D 235 35.40 -15.40 7.48
N ASN D 236 34.15 -14.97 7.59
CA ASN D 236 33.49 -14.82 8.88
C ASN D 236 32.56 -15.97 9.25
N CYS D 237 32.45 -17.01 8.42
CA CYS D 237 31.40 -18.00 8.65
C CYS D 237 31.69 -18.91 9.83
N SER D 238 32.97 -19.24 10.08
CA SER D 238 33.28 -20.19 11.13
C SER D 238 32.91 -19.64 12.50
N GLU D 239 33.35 -18.41 12.80
CA GLU D 239 33.00 -17.81 14.09
C GLU D 239 31.50 -17.85 14.33
N LEU D 240 30.70 -17.61 13.28
CA LEU D 240 29.25 -17.56 13.45
C LEU D 240 28.64 -18.95 13.63
N ALA D 241 29.14 -19.94 12.90
CA ALA D 241 28.48 -21.25 12.90
C ALA D 241 28.60 -21.93 14.25
N LYS D 242 29.63 -21.60 15.04
CA LYS D 242 29.84 -22.22 16.33
C LYS D 242 28.78 -21.82 17.37
N LYS D 243 28.03 -20.75 17.13
CA LYS D 243 27.07 -20.28 18.12
C LYS D 243 25.98 -21.33 18.35
N GLU D 244 25.45 -21.34 19.58
CA GLU D 244 24.64 -22.47 20.02
C GLU D 244 23.33 -22.60 19.25
N ASP D 245 22.70 -21.48 18.90
CA ASP D 245 21.37 -21.54 18.29
C ASP D 245 21.37 -21.16 16.81
N ILE D 246 22.55 -20.95 16.23
CA ILE D 246 22.69 -20.69 14.80
C ILE D 246 22.90 -22.03 14.10
N ASP D 247 21.93 -22.46 13.30
CA ASP D 247 21.87 -23.80 12.71
C ASP D 247 22.28 -23.83 11.24
N GLY D 248 22.91 -22.79 10.72
CA GLY D 248 23.23 -22.67 9.31
C GLY D 248 23.08 -21.23 8.86
N PHE D 249 23.05 -21.03 7.54
CA PHE D 249 23.03 -19.67 6.97
C PHE D 249 22.05 -19.59 5.80
N LEU D 250 21.56 -18.37 5.56
CA LEU D 250 20.95 -17.99 4.29
C LEU D 250 21.91 -16.98 3.68
N VAL D 251 22.63 -17.41 2.66
CA VAL D 251 23.75 -16.66 2.11
C VAL D 251 23.25 -15.78 0.96
N GLY D 252 23.76 -14.56 0.89
CA GLY D 252 23.46 -13.68 -0.22
C GLY D 252 24.53 -13.63 -1.28
N GLY D 253 25.26 -12.52 -1.37
CA GLY D 253 26.17 -12.32 -2.48
C GLY D 253 27.21 -13.41 -2.64
N ALA D 254 27.62 -14.04 -1.53
CA ALA D 254 28.65 -15.08 -1.60
C ALA D 254 28.12 -16.35 -2.25
N SER D 255 26.80 -16.56 -2.26
CA SER D 255 26.23 -17.71 -2.94
C SER D 255 26.46 -17.66 -4.45
N LEU D 256 26.86 -16.51 -5.00
CA LEU D 256 27.09 -16.35 -6.43
C LEU D 256 28.48 -16.80 -6.86
N LYS D 257 29.33 -17.18 -5.91
CA LYS D 257 30.71 -17.61 -6.15
C LYS D 257 30.85 -19.01 -5.59
N GLY D 258 30.90 -20.00 -6.47
CA GLY D 258 30.84 -21.39 -6.08
C GLY D 258 31.76 -21.75 -4.93
N PRO D 259 33.04 -21.41 -5.05
CA PRO D 259 33.99 -21.84 -4.00
C PRO D 259 33.67 -21.20 -2.65
N ASP D 260 33.33 -19.92 -2.65
CA ASP D 260 32.95 -19.24 -1.41
C ASP D 260 31.73 -19.90 -0.78
N PHE D 261 30.72 -20.21 -1.60
CA PHE D 261 29.54 -20.89 -1.08
C PHE D 261 29.89 -22.26 -0.53
N ALA D 262 30.77 -22.98 -1.22
CA ALA D 262 31.22 -24.28 -0.70
C ALA D 262 31.91 -24.12 0.65
N SER D 263 32.77 -23.11 0.79
CA SER D 263 33.43 -22.89 2.08
C SER D 263 32.41 -22.70 3.20
N ILE D 264 31.34 -21.96 2.94
CA ILE D 264 30.35 -21.71 3.98
C ILE D 264 29.62 -22.99 4.32
N VAL D 265 29.24 -23.78 3.31
CA VAL D 265 28.59 -25.05 3.58
C VAL D 265 29.45 -25.88 4.53
N ASN D 266 30.74 -25.98 4.22
CA ASN D 266 31.63 -26.84 4.98
C ASN D 266 31.90 -26.30 6.38
N SER D 267 31.73 -25.00 6.62
CA SER D 267 31.97 -24.46 7.95
C SER D 267 30.93 -24.90 8.97
N VAL D 268 29.79 -25.42 8.53
CA VAL D 268 28.78 -25.92 9.46
C VAL D 268 28.86 -27.43 9.66
N ALA D 269 29.80 -28.10 9.02
CA ALA D 269 29.88 -29.56 9.07
C ALA D 269 30.16 -30.08 10.48
C ACT E . 10.65 20.82 12.29
O ACT E . 10.19 21.92 11.87
OXT ACT E . 11.51 20.06 11.77
CH3 ACT E . 10.12 20.34 13.68
C ACT F . -21.70 -5.52 -33.09
O ACT F . -22.77 -5.11 -32.58
OXT ACT F . -21.16 -6.68 -33.01
CH3 ACT F . -20.96 -4.44 -33.92
H1 ACT F . -20.62 -3.75 -33.33
H2 ACT F . -20.23 -4.85 -34.41
H3 ACT F . -21.58 -4.04 -34.55
#